data_5TRC
#
_entry.id   5TRC
#
_cell.length_a   56.433
_cell.length_b   93.191
_cell.length_c   110.944
_cell.angle_alpha   90.000
_cell.angle_beta   99.570
_cell.angle_gamma   90.000
#
_symmetry.space_group_name_H-M   'P 1 21 1'
#
loop_
_entity.id
_entity.type
_entity.pdbx_description
1 polymer 'Acetyl-CoA carboxylase'
2 non-polymer 'CHLORIDE ION'
#
_entity_poly.entity_id   1
_entity_poly.type   'polypeptide(L)'
_entity_poly.pdbx_seq_one_letter_code
;SVKERTEQIEHILKSSVVKVAYGSSNPKRSEPDLNILKDLIDSNYVVFDVLLQFLTHQDPVVTAAAAQVYIRRAYRAYTI
GDIRVHEGVTVPIVEWKFQLPSAAFSTFPTVKSKMGMNRAV(SEP)VSDLSYVANSQSSPLREGILMAVDHLDDVDEILS
QSLEVIPRHQSSSNGPAPDRSGSSASLSNVANVCVASTEGFESEEEILVRLREILDLNKQELINASIRRITFMFGFKDGS
YPKYYTFNGPNYNENETIRHIEPALAFQLELGRLSNFNIKPIFTDNRNIHVYEAVSKTSPLDKRFFTRGIIRTGHIRDDI
SIQEYLTSEANRLMSDILDNLEVTDTSNSDLNHIFINFIAVFDISPEDVEAAFGGFLERFGKRLLRLRVSSAEIRIIIKD
PQTGAPVPLRALINNVSGYVIKTEMYTEVKNAKGEWVFKSLGKPGSMHLRPIATPYPVKEWLQPKRYKAHLMHHHHHH
;
_entity_poly.pdbx_strand_id   A,B
#
loop_
_chem_comp.id
_chem_comp.type
_chem_comp.name
_chem_comp.formula
CL non-polymer 'CHLORIDE ION' 'Cl -1'
#
# COMPACT_ATOMS: atom_id res chain seq x y z
N SER A 1 17.14 -2.17 -2.89
CA SER A 1 16.26 -2.94 -2.02
C SER A 1 15.76 -2.09 -0.87
N VAL A 2 16.67 -1.40 -0.16
CA VAL A 2 16.27 -0.53 0.95
C VAL A 2 15.13 0.40 0.53
N LYS A 3 15.18 0.86 -0.72
CA LYS A 3 14.06 1.58 -1.29
C LYS A 3 12.91 0.60 -1.46
N GLU A 4 13.14 -0.46 -2.24
CA GLU A 4 12.10 -1.46 -2.52
C GLU A 4 11.41 -2.03 -1.28
N ARG A 5 12.15 -2.29 -0.23
CA ARG A 5 11.56 -2.91 0.93
C ARG A 5 10.88 -1.83 1.73
N THR A 6 11.50 -0.65 1.81
CA THR A 6 10.83 0.49 2.44
C THR A 6 9.46 0.72 1.81
N GLU A 7 9.36 0.51 0.51
CA GLU A 7 8.05 0.66 -0.14
C GLU A 7 7.24 -0.61 0.07
N GLN A 8 7.87 -1.76 -0.16
CA GLN A 8 7.22 -3.07 -0.01
C GLN A 8 6.42 -3.19 1.28
N ILE A 9 6.96 -2.59 2.33
CA ILE A 9 6.33 -2.61 3.65
C ILE A 9 5.05 -1.77 3.66
N GLU A 10 5.15 -0.50 3.25
CA GLU A 10 4.00 0.40 3.18
C GLU A 10 2.77 -0.34 2.63
N HIS A 11 2.94 -1.02 1.52
CA HIS A 11 1.80 -1.69 0.91
C HIS A 11 1.27 -2.82 1.78
N ILE A 12 2.18 -3.59 2.36
CA ILE A 12 1.79 -4.70 3.23
C ILE A 12 1.04 -4.23 4.48
N LEU A 13 1.52 -3.16 5.13
CA LEU A 13 0.84 -2.63 6.31
C LEU A 13 -0.58 -2.14 5.99
N LYS A 14 -0.69 -1.17 5.09
CA LYS A 14 -1.98 -0.61 4.67
C LYS A 14 -2.89 -1.67 4.08
N SER A 15 -2.32 -2.74 3.54
CA SER A 15 -3.14 -3.79 2.97
C SER A 15 -3.67 -4.71 4.05
N SER A 16 -3.06 -4.62 5.24
CA SER A 16 -3.51 -5.40 6.38
C SER A 16 -4.71 -4.74 7.01
N VAL A 17 -4.67 -3.41 7.06
CA VAL A 17 -5.74 -2.60 7.60
C VAL A 17 -6.99 -2.66 6.72
N VAL A 18 -6.81 -2.46 5.41
CA VAL A 18 -7.94 -2.25 4.50
C VAL A 18 -8.85 -3.47 4.45
N LYS A 19 -10.13 -3.23 4.75
CA LYS A 19 -11.13 -4.28 4.89
C LYS A 19 -12.25 -4.22 3.83
N VAL A 20 -12.32 -3.12 3.10
CA VAL A 20 -13.52 -2.84 2.32
C VAL A 20 -13.28 -2.47 0.85
N ALA A 21 -14.29 -2.72 0.02
CA ALA A 21 -14.21 -2.39 -1.39
C ALA A 21 -14.32 -0.89 -1.61
N TYR A 22 -14.09 -0.48 -2.85
CA TYR A 22 -14.04 0.93 -3.22
C TYR A 22 -15.30 1.71 -2.85
N GLY A 23 -15.11 2.95 -2.39
CA GLY A 23 -16.21 3.88 -2.22
C GLY A 23 -16.81 3.88 -0.83
N SER A 24 -17.21 2.71 -0.35
CA SER A 24 -17.62 2.59 1.04
C SER A 24 -16.41 2.86 1.91
N SER A 25 -16.59 3.63 2.98
CA SER A 25 -15.47 4.01 3.85
C SER A 25 -15.15 2.91 4.86
N ASN A 26 -13.87 2.77 5.22
CA ASN A 26 -13.41 1.70 6.10
C ASN A 26 -13.45 2.11 7.57
N PRO A 27 -13.51 1.12 8.48
CA PRO A 27 -13.72 1.33 9.92
C PRO A 27 -12.57 2.10 10.55
N LYS A 28 -12.90 3.02 11.45
CA LYS A 28 -11.87 3.87 12.07
C LYS A 28 -10.82 3.05 12.82
N ARG A 29 -11.28 2.25 13.79
CA ARG A 29 -10.39 1.37 14.53
C ARG A 29 -10.70 -0.08 14.23
N SER A 30 -9.86 -0.71 13.42
CA SER A 30 -10.02 -2.12 13.05
C SER A 30 -8.69 -2.89 13.13
N GLU A 31 -8.79 -4.11 13.62
CA GLU A 31 -7.63 -4.99 13.74
C GLU A 31 -7.03 -5.32 12.38
N PRO A 32 -5.70 -5.53 12.33
CA PRO A 32 -4.99 -5.91 11.11
C PRO A 32 -5.07 -7.42 10.87
N ASP A 33 -5.09 -7.83 9.60
CA ASP A 33 -5.22 -9.23 9.22
C ASP A 33 -3.90 -10.00 9.35
N LEU A 34 -3.70 -10.69 10.48
CA LEU A 34 -2.41 -11.35 10.76
C LEU A 34 -1.98 -12.37 9.70
N ASN A 35 -2.89 -12.90 8.90
CA ASN A 35 -2.48 -13.77 7.79
C ASN A 35 -1.70 -12.96 6.76
N ILE A 36 -2.05 -11.68 6.65
CA ILE A 36 -1.40 -10.81 5.67
C ILE A 36 -0.11 -10.23 6.24
N LEU A 37 -0.08 -9.99 7.56
CA LEU A 37 1.12 -9.53 8.23
C LEU A 37 2.09 -10.65 8.52
N LYS A 38 1.60 -11.89 8.47
CA LYS A 38 2.43 -13.04 8.84
C LYS A 38 3.66 -13.16 7.96
N ASP A 39 3.50 -12.86 6.68
CA ASP A 39 4.61 -13.03 5.77
C ASP A 39 5.65 -11.91 5.92
N LEU A 40 5.33 -10.91 6.72
CA LEU A 40 6.31 -9.89 7.06
C LEU A 40 7.01 -10.18 8.40
N ILE A 41 6.31 -10.86 9.29
CA ILE A 41 6.86 -11.24 10.58
C ILE A 41 7.78 -12.45 10.47
N ASP A 42 7.39 -13.44 9.69
CA ASP A 42 8.17 -14.68 9.59
C ASP A 42 9.10 -14.64 8.39
N SER A 43 9.77 -13.52 8.22
CA SER A 43 10.59 -13.24 7.04
C SER A 43 12.07 -13.49 7.29
N ASN A 44 12.78 -13.96 6.26
CA ASN A 44 14.21 -14.23 6.38
C ASN A 44 15.06 -12.99 6.14
N TYR A 45 14.52 -12.05 5.38
CA TYR A 45 15.16 -10.77 5.18
C TYR A 45 15.02 -9.94 6.43
N VAL A 46 15.96 -9.03 6.64
CA VAL A 46 15.84 -7.99 7.68
C VAL A 46 14.53 -7.20 7.59
N VAL A 47 14.02 -6.79 8.73
CA VAL A 47 12.88 -5.92 8.65
C VAL A 47 13.04 -4.68 9.52
N PHE A 48 13.90 -4.74 10.51
CA PHE A 48 13.88 -3.72 11.54
C PHE A 48 14.60 -2.46 11.12
N ASP A 49 15.39 -2.55 10.07
CA ASP A 49 16.12 -1.39 9.60
C ASP A 49 15.12 -0.41 8.95
N VAL A 50 14.12 -0.97 8.29
CA VAL A 50 13.20 -0.23 7.47
C VAL A 50 11.81 -0.03 8.11
N LEU A 51 11.57 -0.64 9.27
CA LEU A 51 10.21 -0.70 9.79
C LEU A 51 9.89 0.39 10.80
N LEU A 52 10.87 0.82 11.58
CA LEU A 52 10.61 1.74 12.68
C LEU A 52 9.92 3.05 12.24
N GLN A 53 10.23 3.49 11.04
CA GLN A 53 9.75 4.79 10.57
C GLN A 53 8.21 4.83 10.48
N PHE A 54 7.60 3.66 10.41
CA PHE A 54 6.14 3.51 10.29
C PHE A 54 5.42 3.46 11.62
N LEU A 55 6.13 3.62 12.71
CA LEU A 55 5.50 3.71 14.03
C LEU A 55 5.11 5.15 14.33
N THR A 56 5.77 6.08 13.63
CA THR A 56 5.44 7.49 13.65
C THR A 56 5.01 7.90 12.25
N HIS A 57 4.58 6.91 11.50
CA HIS A 57 3.82 7.11 10.28
C HIS A 57 2.75 8.12 10.60
N GLN A 58 2.33 8.88 9.60
CA GLN A 58 1.25 9.83 9.83
C GLN A 58 -0.01 9.15 10.36
N ASP A 59 -0.55 8.16 9.64
CA ASP A 59 -1.80 7.49 10.04
C ASP A 59 -1.59 6.63 11.29
N PRO A 60 -2.48 6.78 12.30
CA PRO A 60 -2.47 5.96 13.52
C PRO A 60 -3.01 4.56 13.32
N VAL A 61 -3.53 4.27 12.13
CA VAL A 61 -4.11 2.96 11.90
C VAL A 61 -3.15 1.96 11.23
N VAL A 62 -2.02 2.45 10.70
CA VAL A 62 -0.98 1.52 10.23
C VAL A 62 0.11 1.48 11.28
N THR A 63 0.30 2.62 11.94
CA THR A 63 1.15 2.74 13.10
C THR A 63 0.96 1.54 14.01
N ALA A 64 -0.28 1.07 14.11
CA ALA A 64 -0.61 -0.03 15.00
C ALA A 64 -0.36 -1.40 14.35
N ALA A 65 -0.47 -1.46 13.03
CA ALA A 65 -0.04 -2.66 12.30
C ALA A 65 1.48 -2.66 12.22
N ALA A 66 2.11 -1.51 12.35
CA ALA A 66 3.56 -1.44 12.40
C ALA A 66 4.04 -2.00 13.71
N ALA A 67 3.32 -1.64 14.77
CA ALA A 67 3.69 -2.00 16.13
C ALA A 67 3.69 -3.49 16.30
N GLN A 68 2.64 -4.11 15.80
CA GLN A 68 2.44 -5.54 15.95
C GLN A 68 3.55 -6.30 15.30
N VAL A 69 3.80 -5.99 14.04
CA VAL A 69 4.90 -6.60 13.33
C VAL A 69 6.17 -6.48 14.16
N TYR A 70 6.40 -5.33 14.75
CA TYR A 70 7.63 -5.18 15.50
C TYR A 70 7.67 -6.12 16.71
N ILE A 71 6.59 -6.09 17.47
CA ILE A 71 6.49 -6.86 18.67
C ILE A 71 6.52 -8.34 18.34
N ARG A 72 5.77 -8.70 17.30
CA ARG A 72 5.53 -10.07 16.99
C ARG A 72 6.77 -10.69 16.38
N ARG A 73 7.69 -9.84 15.95
CA ARG A 73 8.89 -10.33 15.29
C ARG A 73 10.07 -10.19 16.20
N ALA A 74 9.99 -9.30 17.18
CA ALA A 74 11.03 -9.24 18.21
C ALA A 74 10.83 -10.42 19.14
N TYR A 75 9.58 -10.71 19.44
CA TYR A 75 9.32 -11.73 20.43
C TYR A 75 9.07 -13.11 19.83
N ARG A 76 9.77 -13.44 18.74
CA ARG A 76 9.65 -14.73 18.05
C ARG A 76 10.01 -15.89 18.97
N ALA A 77 10.72 -15.61 20.06
CA ALA A 77 11.13 -16.68 20.96
C ALA A 77 10.21 -16.78 22.15
N TYR A 78 9.11 -16.04 22.11
CA TYR A 78 8.24 -15.96 23.27
C TYR A 78 6.87 -16.50 22.91
N THR A 79 6.05 -16.73 23.92
CA THR A 79 4.71 -17.17 23.68
C THR A 79 4.01 -15.86 23.82
N ILE A 80 3.53 -15.32 22.71
CA ILE A 80 2.89 -14.04 22.73
C ILE A 80 1.42 -14.16 22.96
N GLY A 81 0.87 -13.29 23.78
CA GLY A 81 -0.54 -13.38 24.07
C GLY A 81 -1.40 -12.53 23.20
N ASP A 82 -2.01 -11.52 23.78
CA ASP A 82 -2.90 -10.68 23.02
C ASP A 82 -2.40 -9.28 23.12
N ILE A 83 -2.68 -8.50 22.10
CA ILE A 83 -2.22 -7.15 22.10
C ILE A 83 -3.32 -6.13 21.96
N ARG A 84 -3.33 -5.16 22.86
CA ARG A 84 -4.27 -4.04 22.84
C ARG A 84 -3.61 -2.78 22.30
N VAL A 85 -4.30 -2.13 21.38
CA VAL A 85 -3.90 -0.80 20.95
C VAL A 85 -4.58 0.27 21.79
N HIS A 86 -3.93 0.75 22.83
CA HIS A 86 -4.51 1.81 23.66
C HIS A 86 -4.35 3.18 23.02
N GLU A 87 -4.79 4.21 23.73
CA GLU A 87 -4.70 5.57 23.23
C GLU A 87 -4.31 6.49 24.38
N GLY A 88 -3.12 7.07 24.28
CA GLY A 88 -2.59 7.90 25.35
C GLY A 88 -3.11 9.33 25.33
N VAL A 89 -2.45 10.17 26.13
CA VAL A 89 -2.69 11.61 26.12
C VAL A 89 -2.52 12.12 24.71
N THR A 90 -1.42 11.71 24.08
CA THR A 90 -1.07 12.13 22.72
C THR A 90 -0.99 10.98 21.72
N VAL A 91 0.22 10.43 21.58
CA VAL A 91 0.51 9.29 20.72
C VAL A 91 -0.08 8.00 21.31
N PRO A 92 -0.47 7.04 20.44
CA PRO A 92 -1.01 5.76 20.88
C PRO A 92 0.00 4.91 21.66
N ILE A 93 -0.52 3.92 22.39
CA ILE A 93 0.35 3.00 23.10
C ILE A 93 -0.09 1.57 22.86
N VAL A 94 0.86 0.68 22.64
CA VAL A 94 0.56 -0.73 22.40
C VAL A 94 1.12 -1.64 23.48
N GLU A 95 0.23 -2.47 24.02
CA GLU A 95 0.56 -3.37 25.11
C GLU A 95 0.40 -4.82 24.65
N TRP A 96 1.46 -5.60 24.83
CA TRP A 96 1.42 -7.03 24.53
C TRP A 96 1.80 -7.79 25.78
N LYS A 97 1.18 -8.94 25.97
CA LYS A 97 1.54 -9.82 27.09
C LYS A 97 2.28 -11.04 26.53
N PHE A 98 3.25 -11.53 27.29
CA PHE A 98 4.13 -12.54 26.74
C PHE A 98 4.77 -13.38 27.82
N GLN A 99 5.24 -14.57 27.46
CA GLN A 99 6.08 -15.36 28.36
C GLN A 99 7.02 -16.30 27.61
N LEU A 100 8.10 -16.68 28.29
CA LEU A 100 9.17 -17.45 27.66
C LEU A 100 9.13 -18.95 28.03
N PRO A 101 9.13 -19.84 27.03
CA PRO A 101 9.22 -21.31 27.10
C PRO A 101 10.60 -21.81 27.53
N SER A 102 10.79 -23.14 27.70
CA SER A 102 12.02 -23.68 28.27
C SER A 102 13.06 -24.22 27.27
N ALA A 103 12.80 -24.11 25.97
CA ALA A 103 13.87 -24.35 25.00
C ALA A 103 13.76 -23.35 23.86
N ALA A 104 13.60 -22.08 24.22
CA ALA A 104 13.18 -21.06 23.28
C ALA A 104 14.20 -20.93 22.19
N PHE A 105 15.46 -21.04 22.59
CA PHE A 105 16.59 -20.74 21.73
C PHE A 105 17.83 -21.60 22.06
N SER A 106 18.75 -21.62 21.12
CA SER A 106 19.92 -22.47 21.12
C SER A 106 20.59 -22.58 22.46
N THR A 107 20.62 -21.51 23.22
CA THR A 107 21.39 -21.59 24.45
C THR A 107 20.57 -21.31 25.68
N PHE A 108 20.03 -22.41 26.17
CA PHE A 108 19.14 -22.41 27.29
C PHE A 108 19.69 -23.35 28.38
N VAL A 121 13.95 -17.67 32.15
CA VAL A 121 12.69 -16.93 31.99
C VAL A 121 12.82 -15.59 31.21
N SEP A 122 14.04 -15.15 30.89
CA SEP A 122 14.15 -14.11 29.87
CB SEP A 122 14.21 -12.71 30.45
OG SEP A 122 13.56 -11.84 29.52
C SEP A 122 15.33 -14.30 28.99
O SEP A 122 16.21 -15.05 29.30
P SEP A 122 14.18 -10.41 29.36
O1P SEP A 122 15.77 -10.48 29.60
O2P SEP A 122 13.84 -9.99 27.88
O3P SEP A 122 13.54 -9.46 30.49
N VAL A 123 15.34 -13.58 27.88
CA VAL A 123 16.36 -13.75 26.84
C VAL A 123 17.58 -12.90 27.11
N SER A 124 17.34 -11.69 27.61
CA SER A 124 18.42 -10.69 27.74
C SER A 124 19.00 -10.62 29.15
N ASP A 125 18.19 -10.99 30.13
CA ASP A 125 18.61 -11.00 31.53
C ASP A 125 18.63 -12.45 32.01
N LEU A 126 19.72 -13.13 31.72
CA LEU A 126 19.87 -14.52 32.07
C LEU A 126 19.84 -14.83 33.56
N SER A 127 19.80 -13.81 34.40
CA SER A 127 19.72 -14.03 35.83
C SER A 127 18.27 -13.92 36.30
N TYR A 128 17.38 -13.51 35.42
CA TYR A 128 15.94 -13.56 35.69
C TYR A 128 15.43 -15.00 35.69
N VAL A 129 15.54 -15.65 36.85
CA VAL A 129 15.04 -17.01 36.99
C VAL A 129 13.71 -17.05 37.75
N ALA A 130 12.78 -17.84 37.24
CA ALA A 130 11.50 -18.04 37.90
C ALA A 130 11.20 -19.53 38.02
N ASN A 131 10.26 -19.85 38.91
CA ASN A 131 9.84 -21.23 39.16
C ASN A 131 9.13 -21.81 37.94
N SER A 132 8.59 -23.01 38.07
CA SER A 132 7.68 -23.53 37.05
C SER A 132 6.36 -22.75 37.06
N GLN A 133 6.28 -21.67 37.85
CA GLN A 133 5.05 -20.88 37.95
C GLN A 133 5.22 -19.35 37.86
N SER A 134 5.28 -18.83 36.63
CA SER A 134 5.17 -17.39 36.40
C SER A 134 4.20 -17.10 35.24
N LEU A 137 4.14 -13.74 34.50
CA LEU A 137 3.15 -12.73 34.09
C LEU A 137 3.82 -11.44 33.58
N ARG A 138 3.94 -11.32 32.27
CA ARG A 138 4.83 -10.33 31.73
C ARG A 138 4.21 -9.51 30.60
N GLU A 139 4.12 -8.22 30.90
CA GLU A 139 3.58 -7.24 29.99
C GLU A 139 4.69 -6.36 29.36
N GLY A 140 4.42 -5.88 28.15
CA GLY A 140 5.27 -4.92 27.48
C GLY A 140 4.51 -3.77 26.86
N ILE A 141 5.09 -2.57 26.96
CA ILE A 141 4.61 -1.39 26.23
C ILE A 141 5.38 -1.17 24.95
N LEU A 142 4.71 -0.88 23.86
CA LEU A 142 5.41 -0.21 22.79
C LEU A 142 4.90 1.24 22.64
N MET A 143 5.79 2.22 22.60
CA MET A 143 5.38 3.59 22.27
C MET A 143 6.24 4.23 21.21
N ALA A 144 5.61 4.80 20.19
CA ALA A 144 6.31 5.63 19.23
C ALA A 144 6.32 7.12 19.66
N VAL A 145 7.39 7.81 19.33
CA VAL A 145 7.56 9.21 19.71
C VAL A 145 8.11 9.82 18.43
N ASP A 146 8.25 11.14 18.38
CA ASP A 146 8.76 11.75 17.16
C ASP A 146 10.16 12.30 17.33
N HIS A 147 10.48 12.66 18.56
CA HIS A 147 11.78 13.26 18.84
C HIS A 147 12.05 13.11 20.32
N LEU A 148 13.31 12.95 20.68
CA LEU A 148 13.70 12.67 22.06
C LEU A 148 13.07 13.61 23.09
N ASP A 149 12.95 14.89 22.76
CA ASP A 149 12.30 15.83 23.66
C ASP A 149 10.88 15.37 24.01
N ASP A 150 10.22 14.68 23.07
CA ASP A 150 8.86 14.16 23.29
C ASP A 150 8.74 13.17 24.44
N VAL A 151 9.85 12.57 24.85
CA VAL A 151 9.78 11.34 25.66
C VAL A 151 9.18 11.53 27.03
N ASP A 152 9.73 12.48 27.80
CA ASP A 152 9.37 12.71 29.19
C ASP A 152 7.88 12.94 29.40
N GLU A 153 7.26 13.65 28.49
CA GLU A 153 5.85 13.89 28.61
C GLU A 153 5.08 12.62 28.36
N ILE A 154 5.48 11.90 27.33
CA ILE A 154 4.87 10.65 26.93
C ILE A 154 5.04 9.47 27.86
N LEU A 155 6.21 9.38 28.44
CA LEU A 155 6.51 8.26 29.27
C LEU A 155 5.67 8.05 30.50
N SER A 156 5.45 9.07 31.30
CA SER A 156 4.68 8.89 32.52
C SER A 156 3.25 8.48 32.30
N GLN A 157 2.60 9.12 31.36
CA GLN A 157 1.22 8.80 31.08
C GLN A 157 1.13 7.39 30.57
N SER A 158 2.10 7.03 29.76
CA SER A 158 2.17 5.73 29.11
C SER A 158 2.25 4.55 30.06
N LEU A 159 3.03 4.70 31.09
CA LEU A 159 3.26 3.66 32.07
C LEU A 159 2.02 3.27 32.86
N GLU A 160 1.03 4.14 32.86
CA GLU A 160 -0.19 3.96 33.63
C GLU A 160 -1.01 2.74 33.29
N VAL A 161 -0.83 2.20 32.12
CA VAL A 161 -1.64 1.06 31.73
C VAL A 161 -1.25 -0.21 32.54
N ILE A 162 -0.54 -0.01 33.65
CA ILE A 162 -0.25 -1.11 34.57
C ILE A 162 -1.49 -1.90 34.99
N LEU A 183 10.16 -7.24 39.75
CA LEU A 183 10.40 -6.44 38.55
C LEU A 183 10.31 -7.29 37.28
N SER A 184 9.22 -7.16 36.55
CA SER A 184 8.94 -8.11 35.48
C SER A 184 8.41 -7.58 34.15
N ASN A 185 8.38 -6.28 33.95
CA ASN A 185 7.80 -5.83 32.70
C ASN A 185 8.80 -5.14 31.82
N VAL A 186 8.35 -4.84 30.63
CA VAL A 186 9.22 -4.42 29.58
C VAL A 186 8.65 -3.25 28.79
N ALA A 187 9.47 -2.22 28.63
CA ALA A 187 9.08 -1.07 27.82
C ALA A 187 10.12 -0.80 26.72
N ASN A 188 9.64 -0.81 25.50
CA ASN A 188 10.43 -0.39 24.35
C ASN A 188 9.92 0.95 23.79
N VAL A 189 10.79 1.96 23.81
CA VAL A 189 10.43 3.27 23.25
C VAL A 189 11.17 3.60 21.97
N CYS A 190 10.41 3.77 20.89
CA CYS A 190 10.90 4.19 19.58
C CYS A 190 11.09 5.74 19.50
N VAL A 191 12.08 6.20 18.74
CA VAL A 191 12.39 7.63 18.70
C VAL A 191 12.75 8.13 17.30
N ALA A 192 11.75 8.69 16.59
CA ALA A 192 11.81 8.89 15.15
C ALA A 192 12.86 9.90 14.70
N SER A 193 13.29 10.76 15.60
CA SER A 193 14.35 11.75 15.31
C SER A 193 15.15 12.18 16.53
N THR A 194 16.43 12.47 16.29
CA THR A 194 17.33 13.04 17.27
C THR A 194 18.00 14.32 16.74
N GLU A 195 17.28 15.01 15.85
CA GLU A 195 17.74 16.29 15.31
C GLU A 195 17.88 17.30 16.44
N GLY A 196 19.06 17.89 16.56
CA GLY A 196 19.32 18.80 17.67
C GLY A 196 20.14 18.11 18.75
N PHE A 197 20.73 16.99 18.36
CA PHE A 197 21.62 16.24 19.24
C PHE A 197 22.89 15.91 18.45
N GLU A 198 24.03 15.86 19.14
CA GLU A 198 25.27 15.55 18.43
C GLU A 198 25.96 14.28 18.94
N SER A 199 26.69 14.34 20.05
CA SER A 199 27.30 13.10 20.54
C SER A 199 26.25 12.13 21.05
N GLU A 200 26.47 10.84 20.80
CA GLU A 200 25.76 9.83 21.54
C GLU A 200 25.72 10.24 22.99
N GLU A 201 26.90 10.50 23.56
CA GLU A 201 27.05 10.67 25.00
C GLU A 201 26.11 11.73 25.53
N GLU A 202 25.79 12.68 24.67
CA GLU A 202 24.86 13.72 25.06
C GLU A 202 23.44 13.20 24.92
N ILE A 203 23.22 12.23 24.04
CA ILE A 203 21.94 11.54 24.03
C ILE A 203 21.85 10.58 25.20
N LEU A 204 23.00 10.05 25.59
CA LEU A 204 23.01 9.12 26.69
C LEU A 204 22.54 9.81 27.96
N VAL A 205 23.09 10.97 28.25
CA VAL A 205 22.76 11.60 29.53
C VAL A 205 21.42 12.35 29.43
N ARG A 206 20.97 12.66 28.22
CA ARG A 206 19.56 13.02 28.07
C ARG A 206 18.66 11.89 28.56
N LEU A 207 18.87 10.69 28.00
CA LEU A 207 18.14 9.48 28.38
C LEU A 207 18.26 9.16 29.86
N ARG A 208 19.40 9.51 30.46
CA ARG A 208 19.60 9.25 31.89
C ARG A 208 18.78 10.21 32.71
N GLU A 209 18.68 11.46 32.26
CA GLU A 209 17.78 12.44 32.86
C GLU A 209 16.36 11.88 32.86
N ILE A 210 15.83 11.72 31.66
CA ILE A 210 14.52 11.09 31.44
C ILE A 210 14.29 9.85 32.32
N LEU A 211 15.34 9.09 32.57
CA LEU A 211 15.20 7.94 33.44
C LEU A 211 15.00 8.41 34.86
N ASP A 212 15.99 9.14 35.37
CA ASP A 212 16.01 9.49 36.78
C ASP A 212 14.90 10.45 37.18
N LEU A 213 14.02 10.80 36.24
CA LEU A 213 12.90 11.66 36.55
C LEU A 213 11.60 10.88 36.60
N ASN A 214 11.59 9.75 35.90
CA ASN A 214 10.47 8.82 35.88
C ASN A 214 10.78 7.56 36.69
N LYS A 215 11.99 7.53 37.24
CA LYS A 215 12.51 6.35 37.95
C LYS A 215 11.45 5.60 38.73
N GLN A 216 10.93 6.25 39.77
CA GLN A 216 9.99 5.61 40.69
C GLN A 216 8.67 5.28 40.03
N GLU A 217 8.41 5.88 38.88
CA GLU A 217 7.15 5.64 38.18
C GLU A 217 7.29 4.44 37.25
N LEU A 218 8.49 4.27 36.68
CA LEU A 218 8.85 3.06 35.95
C LEU A 218 8.83 1.87 36.87
N ILE A 219 9.36 2.09 38.07
CA ILE A 219 9.39 1.06 39.08
C ILE A 219 8.00 0.59 39.46
N ASN A 220 7.03 1.50 39.45
CA ASN A 220 5.68 1.19 39.91
C ASN A 220 5.00 0.33 38.87
N ALA A 221 5.45 0.44 37.62
CA ALA A 221 4.96 -0.42 36.53
C ALA A 221 5.79 -1.72 36.38
N SER A 222 6.61 -2.01 37.40
CA SER A 222 7.46 -3.20 37.44
C SER A 222 8.18 -3.41 36.11
N ILE A 223 8.69 -2.32 35.56
CA ILE A 223 9.46 -2.41 34.35
C ILE A 223 10.91 -2.80 34.66
N ARG A 224 11.29 -3.97 34.17
CA ARG A 224 12.60 -4.56 34.45
C ARG A 224 13.66 -3.93 33.54
N ARG A 225 13.25 -3.70 32.30
CA ARG A 225 14.16 -3.18 31.29
C ARG A 225 13.41 -2.29 30.28
N ILE A 226 13.87 -1.06 30.14
CA ILE A 226 13.30 -0.12 29.15
C ILE A 226 14.34 0.12 28.06
N THR A 227 13.88 0.24 26.80
CA THR A 227 14.77 0.30 25.64
C THR A 227 14.38 1.40 24.68
N PHE A 228 15.30 2.35 24.45
CA PHE A 228 15.06 3.35 23.40
C PHE A 228 15.67 2.84 22.11
N MET A 229 14.86 2.91 21.05
CA MET A 229 15.25 2.36 19.76
C MET A 229 15.03 3.40 18.65
N PHE A 230 16.15 3.85 18.11
CA PHE A 230 16.20 4.89 17.12
C PHE A 230 16.25 4.37 15.70
N GLY A 231 15.12 4.44 15.00
CA GLY A 231 15.09 4.04 13.60
C GLY A 231 15.95 4.89 12.69
N PHE A 232 15.92 4.58 11.39
CA PHE A 232 16.74 5.25 10.38
C PHE A 232 16.08 5.00 9.02
N LYS A 233 16.63 5.59 7.96
CA LYS A 233 15.94 5.61 6.67
C LYS A 233 16.81 5.08 5.53
N ASP A 234 18.11 5.30 5.63
CA ASP A 234 19.05 4.89 4.58
C ASP A 234 19.44 3.41 4.65
N GLY A 235 18.86 2.68 5.59
CA GLY A 235 19.13 1.25 5.69
C GLY A 235 20.05 0.85 6.83
N SER A 236 20.48 1.81 7.64
CA SER A 236 21.25 1.49 8.84
C SER A 236 20.34 0.80 9.86
N TYR A 237 20.92 -0.14 10.62
CA TYR A 237 20.17 -0.90 11.59
C TYR A 237 19.96 -0.04 12.83
N PRO A 238 18.79 -0.15 13.49
CA PRO A 238 18.46 0.77 14.58
C PRO A 238 19.50 0.78 15.65
N LYS A 239 19.53 1.82 16.46
CA LYS A 239 20.39 1.79 17.62
C LYS A 239 19.49 1.42 18.77
N TYR A 240 20.10 0.87 19.80
CA TYR A 240 19.37 0.39 20.94
C TYR A 240 20.14 0.71 22.22
N TYR A 241 19.37 1.26 23.14
CA TYR A 241 19.89 1.55 24.46
C TYR A 241 18.90 0.90 25.38
N THR A 242 19.41 0.31 26.45
CA THR A 242 18.59 -0.47 27.34
C THR A 242 19.16 -0.29 28.74
N PHE A 243 18.29 0.01 29.69
CA PHE A 243 18.67 0.28 31.07
C PHE A 243 17.79 -0.58 31.91
N ASN A 244 18.34 -1.08 33.01
CA ASN A 244 17.68 -2.11 33.78
C ASN A 244 17.38 -1.82 35.24
N GLY A 245 16.58 -2.73 35.80
CA GLY A 245 16.45 -2.91 37.23
C GLY A 245 15.90 -1.67 37.87
N PRO A 246 16.11 -1.56 39.19
CA PRO A 246 15.64 -0.48 40.08
C PRO A 246 16.43 0.82 39.94
N ASN A 247 17.72 0.72 39.63
CA ASN A 247 18.53 1.88 39.27
C ASN A 247 18.73 1.82 37.79
N TYR A 248 17.92 2.51 37.01
CA TYR A 248 17.94 2.23 35.58
C TYR A 248 19.25 2.66 34.92
N ASN A 249 20.30 1.96 35.31
CA ASN A 249 21.63 1.98 34.70
C ASN A 249 21.68 1.27 33.35
N GLU A 250 22.48 1.76 32.41
CA GLU A 250 22.52 1.16 31.08
C GLU A 250 23.14 -0.22 31.10
N ASN A 251 22.48 -1.12 30.36
CA ASN A 251 22.97 -2.46 30.09
C ASN A 251 23.86 -2.33 28.87
N GLU A 252 25.13 -2.19 29.12
CA GLU A 252 26.08 -2.02 28.07
C GLU A 252 26.23 -3.24 27.21
N THR A 253 26.11 -4.40 27.79
CA THR A 253 26.31 -5.63 27.07
C THR A 253 25.39 -5.92 25.91
N ILE A 254 24.22 -5.29 25.83
CA ILE A 254 23.36 -5.52 24.69
C ILE A 254 22.96 -4.18 24.12
N ARG A 255 23.96 -3.41 23.73
CA ARG A 255 23.72 -2.09 23.24
C ARG A 255 23.00 -1.83 21.97
N HIS A 256 23.23 -2.63 20.95
CA HIS A 256 22.57 -2.37 19.70
C HIS A 256 21.75 -3.49 19.17
N ILE A 257 21.09 -4.19 20.07
CA ILE A 257 20.31 -5.31 19.71
C ILE A 257 19.00 -5.20 20.43
N GLU A 258 17.90 -5.65 19.83
CA GLU A 258 16.63 -5.60 20.51
C GLU A 258 16.82 -6.60 21.61
N PRO A 259 16.41 -6.22 22.86
CA PRO A 259 16.66 -7.21 23.91
C PRO A 259 16.02 -8.54 23.71
N ALA A 260 14.86 -8.58 23.11
CA ALA A 260 14.16 -9.82 22.91
C ALA A 260 14.98 -10.78 22.10
N LEU A 261 15.78 -10.30 21.17
CA LEU A 261 16.58 -11.16 20.36
C LEU A 261 18.02 -11.22 20.78
N ALA A 262 18.34 -10.83 21.99
CA ALA A 262 19.78 -10.78 22.33
C ALA A 262 20.41 -12.17 22.26
N PHE A 263 19.59 -13.20 22.23
CA PHE A 263 20.10 -14.57 22.18
C PHE A 263 20.98 -14.76 20.96
N GLN A 264 20.77 -13.96 19.93
CA GLN A 264 21.63 -14.06 18.75
C GLN A 264 23.06 -13.72 19.07
N LEU A 265 23.30 -13.09 20.21
CA LEU A 265 24.65 -12.82 20.67
C LEU A 265 25.21 -13.99 21.46
N GLU A 266 24.30 -14.82 21.95
CA GLU A 266 24.60 -15.94 22.83
C GLU A 266 25.53 -15.57 23.97
N LEU A 267 25.08 -14.69 24.86
CA LEU A 267 25.97 -14.13 25.88
C LEU A 267 26.19 -15.10 26.99
N GLY A 268 25.21 -15.98 27.23
CA GLY A 268 25.26 -16.98 28.28
C GLY A 268 26.55 -17.75 28.27
N ARG A 269 27.00 -18.20 27.10
CA ARG A 269 28.26 -18.93 26.97
C ARG A 269 29.51 -18.20 27.46
N LEU A 270 29.36 -16.95 27.87
CA LEU A 270 30.49 -16.27 28.44
C LEU A 270 30.47 -16.26 29.96
N SER A 271 29.70 -17.17 30.57
CA SER A 271 29.45 -17.05 32.00
C SER A 271 30.63 -17.48 32.91
N ASN A 272 31.80 -17.79 32.38
CA ASN A 272 32.93 -18.11 33.27
C ASN A 272 33.86 -16.93 33.30
N PHE A 273 33.44 -15.89 32.62
CA PHE A 273 34.24 -14.69 32.44
C PHE A 273 33.49 -13.48 32.89
N ASN A 274 34.20 -12.51 33.46
CA ASN A 274 33.64 -11.19 33.63
C ASN A 274 33.78 -10.45 32.31
N ILE A 275 32.64 -10.22 31.70
CA ILE A 275 32.52 -9.57 30.42
C ILE A 275 32.49 -8.03 30.53
N LYS A 276 32.91 -7.35 29.47
CA LYS A 276 32.80 -5.88 29.36
C LYS A 276 32.85 -5.46 27.90
N PRO A 277 31.91 -4.60 27.46
CA PRO A 277 31.91 -4.31 26.03
C PRO A 277 32.96 -3.30 25.67
N ILE A 278 33.36 -3.34 24.42
CA ILE A 278 34.18 -2.31 23.80
C ILE A 278 33.41 -1.86 22.60
N PHE A 279 32.95 -0.63 22.61
CA PHE A 279 31.99 -0.21 21.60
C PHE A 279 32.74 0.01 20.30
N THR A 280 32.06 -0.11 19.18
CA THR A 280 32.72 0.02 17.90
C THR A 280 31.83 0.68 16.88
N ASP A 281 32.43 1.12 15.79
CA ASP A 281 31.67 1.90 14.84
C ASP A 281 30.78 0.98 14.02
N ASN A 282 31.23 -0.26 13.84
CA ASN A 282 30.34 -1.27 13.27
C ASN A 282 29.41 -1.80 14.33
N ARG A 283 28.11 -1.63 14.10
CA ARG A 283 27.11 -1.94 15.12
C ARG A 283 26.57 -3.36 14.95
N ASN A 284 26.97 -4.03 13.88
CA ASN A 284 26.70 -5.45 13.74
C ASN A 284 27.74 -6.27 14.50
N ILE A 285 28.63 -5.58 15.19
CA ILE A 285 29.75 -6.22 15.82
C ILE A 285 29.72 -5.94 17.29
N HIS A 286 29.75 -7.00 18.12
CA HIS A 286 29.79 -6.84 19.55
C HIS A 286 31.05 -7.51 20.04
N VAL A 287 32.04 -6.71 20.44
CA VAL A 287 33.27 -7.23 21.02
C VAL A 287 33.22 -7.11 22.55
N TYR A 288 33.77 -8.10 23.26
CA TYR A 288 33.76 -8.10 24.73
C TYR A 288 35.11 -8.55 25.27
N GLU A 289 35.66 -7.76 26.19
CA GLU A 289 36.82 -8.18 26.94
C GLU A 289 36.37 -9.18 27.99
N ALA A 290 37.03 -10.33 28.07
CA ALA A 290 36.63 -11.32 29.06
C ALA A 290 37.80 -11.67 29.95
N VAL A 291 37.55 -11.70 31.25
CA VAL A 291 38.58 -12.19 32.17
C VAL A 291 37.96 -13.31 33.00
N SER A 292 38.60 -14.45 33.01
CA SER A 292 38.09 -15.54 33.81
C SER A 292 37.94 -15.05 35.24
N LYS A 293 36.75 -15.22 35.81
CA LYS A 293 36.55 -14.85 37.20
C LYS A 293 37.59 -15.59 38.04
N THR A 294 37.65 -16.90 37.83
CA THR A 294 38.63 -17.79 38.45
C THR A 294 40.13 -17.38 38.35
N SER A 295 40.53 -16.64 37.33
CA SER A 295 41.96 -16.43 37.08
C SER A 295 42.26 -15.19 36.26
N PRO A 296 42.41 -14.05 36.94
CA PRO A 296 42.63 -12.73 36.32
C PRO A 296 43.71 -12.70 35.23
N LEU A 297 44.45 -13.78 35.05
CA LEU A 297 45.46 -13.79 34.00
C LEU A 297 44.91 -14.35 32.69
N ASP A 298 43.74 -14.99 32.75
CA ASP A 298 43.13 -15.53 31.57
C ASP A 298 42.24 -14.48 30.93
N LYS A 299 42.86 -13.62 30.14
CA LYS A 299 42.15 -12.60 29.40
C LYS A 299 41.96 -13.11 27.97
N ARG A 300 40.77 -12.86 27.40
CA ARG A 300 40.46 -13.11 26.00
C ARG A 300 39.56 -12.02 25.46
N PHE A 301 39.41 -11.95 24.15
CA PHE A 301 38.35 -11.14 23.57
C PHE A 301 37.41 -11.99 22.74
N PHE A 302 36.13 -11.87 23.05
CA PHE A 302 35.11 -12.53 22.27
C PHE A 302 34.45 -11.50 21.37
N THR A 303 34.61 -11.67 20.08
CA THR A 303 33.78 -10.90 19.18
C THR A 303 32.67 -11.77 18.65
N ARG A 304 31.51 -11.16 18.56
CA ARG A 304 30.35 -11.87 18.12
C ARG A 304 29.70 -10.95 17.17
N GLY A 305 29.83 -11.25 15.88
CA GLY A 305 29.25 -10.44 14.83
C GLY A 305 27.95 -11.03 14.36
N ILE A 306 27.08 -10.20 13.81
CA ILE A 306 25.73 -10.64 13.42
C ILE A 306 25.48 -10.25 11.97
N ILE A 307 25.03 -11.20 11.14
CA ILE A 307 24.79 -10.87 9.74
C ILE A 307 23.36 -11.06 9.34
N ARG A 308 22.59 -10.00 9.44
CA ARG A 308 21.25 -9.96 8.89
C ARG A 308 21.38 -9.78 7.38
N THR A 309 20.35 -10.05 6.61
CA THR A 309 20.48 -9.89 5.16
C THR A 309 19.21 -9.39 4.52
N GLY A 310 19.33 -8.28 3.81
CA GLY A 310 18.21 -7.61 3.18
C GLY A 310 18.14 -7.79 1.68
N HIS A 311 19.24 -8.23 1.06
CA HIS A 311 19.26 -8.45 -0.39
C HIS A 311 20.40 -9.32 -0.91
N ILE A 312 20.05 -10.42 -1.58
CA ILE A 312 21.05 -11.19 -2.29
C ILE A 312 20.95 -10.96 -3.79
N ARG A 313 22.10 -10.88 -4.45
CA ARG A 313 22.17 -10.63 -5.88
C ARG A 313 21.78 -11.86 -6.72
N ASP A 314 21.12 -11.60 -7.84
CA ASP A 314 20.60 -12.66 -8.74
C ASP A 314 21.68 -13.57 -9.29
N ASP A 315 22.78 -12.96 -9.73
CA ASP A 315 23.91 -13.65 -10.36
C ASP A 315 24.52 -14.79 -9.53
N ILE A 316 25.11 -14.40 -8.41
CA ILE A 316 25.85 -15.26 -7.48
C ILE A 316 25.07 -16.39 -6.80
N SER A 317 25.83 -17.43 -6.44
CA SER A 317 25.37 -18.53 -5.60
C SER A 317 25.04 -18.07 -4.18
N ILE A 318 24.29 -18.89 -3.45
CA ILE A 318 24.14 -18.68 -2.02
C ILE A 318 25.50 -18.82 -1.36
N GLN A 319 26.16 -19.95 -1.63
CA GLN A 319 27.50 -20.23 -1.11
C GLN A 319 28.47 -19.08 -1.31
N GLU A 320 28.37 -18.44 -2.46
CA GLU A 320 29.20 -17.29 -2.76
C GLU A 320 28.85 -16.08 -1.88
N TYR A 321 27.56 -15.88 -1.63
CA TYR A 321 27.10 -14.83 -0.73
C TYR A 321 27.64 -15.01 0.68
N LEU A 322 27.49 -16.22 1.21
CA LEU A 322 27.93 -16.53 2.57
C LEU A 322 29.41 -16.20 2.80
N THR A 323 30.21 -16.45 1.78
CA THR A 323 31.65 -16.30 1.87
C THR A 323 32.15 -14.88 1.68
N SER A 324 31.35 -13.98 1.10
CA SER A 324 31.86 -12.63 0.95
C SER A 324 31.59 -11.84 2.22
N GLU A 325 30.40 -11.97 2.74
CA GLU A 325 30.03 -11.22 3.91
C GLU A 325 30.71 -11.74 5.16
N ALA A 326 30.84 -13.06 5.23
CA ALA A 326 31.69 -13.69 6.20
C ALA A 326 33.06 -13.04 6.15
N ASN A 327 33.56 -12.85 4.94
CA ASN A 327 34.87 -12.28 4.72
C ASN A 327 34.94 -10.83 5.13
N ARG A 328 34.02 -10.07 4.54
CA ARG A 328 33.76 -8.72 4.95
C ARG A 328 33.73 -8.62 6.44
N LEU A 329 32.82 -9.36 7.07
CA LEU A 329 32.64 -9.21 8.50
C LEU A 329 33.94 -9.49 9.22
N MET A 330 34.69 -10.49 8.77
CA MET A 330 35.93 -10.81 9.47
C MET A 330 37.00 -9.73 9.27
N SER A 331 36.92 -9.02 8.16
CA SER A 331 37.78 -7.86 7.93
C SER A 331 37.49 -6.75 8.91
N ASP A 332 36.24 -6.32 8.93
CA ASP A 332 35.80 -5.32 9.90
C ASP A 332 36.14 -5.76 11.33
N ILE A 333 36.02 -7.06 11.61
CA ILE A 333 36.28 -7.59 12.95
C ILE A 333 37.74 -7.48 13.31
N LEU A 334 38.58 -7.85 12.37
CA LEU A 334 40.01 -7.83 12.56
C LEU A 334 40.52 -6.41 12.71
N ASP A 335 39.95 -5.48 11.95
CA ASP A 335 40.43 -4.13 12.05
C ASP A 335 40.20 -3.60 13.48
N ASN A 336 39.03 -3.84 14.06
CA ASN A 336 38.77 -3.39 15.43
C ASN A 336 39.72 -3.99 16.44
N LEU A 337 40.04 -5.25 16.29
CA LEU A 337 40.99 -5.81 17.23
C LEU A 337 42.39 -5.25 16.98
N GLU A 338 42.65 -4.87 15.73
CA GLU A 338 43.94 -4.27 15.39
C GLU A 338 43.91 -2.76 15.66
N VAL A 339 42.96 -2.31 16.47
CA VAL A 339 42.99 -0.95 16.94
C VAL A 339 42.86 -0.94 18.44
N THR A 340 42.21 -1.98 18.96
CA THR A 340 42.01 -2.09 20.39
C THR A 340 43.23 -2.72 21.05
N ASP A 341 43.32 -2.52 22.36
CA ASP A 341 44.48 -2.93 23.14
C ASP A 341 44.32 -4.36 23.65
N THR A 342 44.74 -5.31 22.83
CA THR A 342 44.57 -6.72 23.16
C THR A 342 45.80 -7.23 23.90
N SER A 343 46.09 -6.59 25.03
CA SER A 343 47.36 -6.73 25.76
C SER A 343 47.81 -8.16 26.04
N ASN A 344 47.15 -8.84 26.97
CA ASN A 344 47.59 -10.21 27.30
C ASN A 344 46.55 -11.27 26.93
N SER A 345 45.72 -10.95 25.96
CA SER A 345 44.68 -11.82 25.47
C SER A 345 45.28 -13.08 24.92
N ASP A 346 44.55 -14.19 24.92
CA ASP A 346 45.12 -15.39 24.32
C ASP A 346 44.18 -16.23 23.50
N LEU A 347 42.99 -16.52 23.99
CA LEU A 347 42.22 -17.48 23.21
C LEU A 347 41.11 -16.81 22.46
N ASN A 348 41.49 -15.74 21.77
CA ASN A 348 40.53 -14.81 21.25
C ASN A 348 39.63 -15.50 20.23
N HIS A 349 38.36 -15.14 20.21
CA HIS A 349 37.35 -15.98 19.61
C HIS A 349 36.39 -15.17 18.79
N ILE A 350 35.97 -15.70 17.66
CA ILE A 350 35.07 -14.96 16.79
C ILE A 350 33.80 -15.72 16.51
N PHE A 351 32.67 -15.03 16.59
CA PHE A 351 31.44 -15.71 16.39
C PHE A 351 30.58 -15.03 15.38
N ILE A 352 30.58 -15.50 14.17
CA ILE A 352 29.69 -14.98 13.12
C ILE A 352 28.32 -15.64 13.10
N ASN A 353 27.26 -14.85 13.06
CA ASN A 353 25.89 -15.37 13.13
C ASN A 353 24.99 -14.90 12.00
N PHE A 354 24.70 -15.79 11.03
CA PHE A 354 23.71 -15.45 10.00
C PHE A 354 22.29 -15.68 10.52
N ILE A 355 21.39 -14.79 10.16
CA ILE A 355 20.07 -14.86 10.74
C ILE A 355 19.03 -15.28 9.74
N ALA A 356 19.38 -15.18 8.46
CA ALA A 356 18.48 -15.54 7.37
C ALA A 356 18.32 -17.03 7.24
N VAL A 357 17.47 -17.45 6.33
CA VAL A 357 17.46 -18.86 5.97
C VAL A 357 17.98 -18.94 4.57
N PHE A 358 18.73 -19.99 4.26
CA PHE A 358 19.36 -20.08 2.96
C PHE A 358 19.09 -21.39 2.24
N ASP A 359 18.93 -21.24 0.94
CA ASP A 359 18.63 -22.32 0.02
C ASP A 359 19.75 -23.35 -0.06
N ILE A 360 20.94 -22.92 0.33
CA ILE A 360 22.15 -23.73 0.26
C ILE A 360 22.08 -25.08 0.99
N SER A 361 23.16 -25.84 0.85
CA SER A 361 23.30 -27.19 1.37
C SER A 361 24.50 -27.26 2.33
N PRO A 362 24.41 -28.16 3.33
CA PRO A 362 25.43 -28.26 4.38
C PRO A 362 26.81 -28.42 3.79
N GLU A 363 26.87 -29.08 2.64
CA GLU A 363 28.14 -29.35 2.03
C GLU A 363 28.63 -28.06 1.39
N ASP A 364 27.74 -27.38 0.69
CA ASP A 364 28.05 -26.07 0.13
C ASP A 364 28.39 -25.09 1.25
N VAL A 365 27.65 -25.16 2.37
CA VAL A 365 27.99 -24.28 3.47
C VAL A 365 29.41 -24.57 3.89
N GLU A 366 29.68 -25.82 4.19
CA GLU A 366 31.02 -26.17 4.66
C GLU A 366 32.05 -25.70 3.63
N ALA A 367 31.69 -25.86 2.35
CA ALA A 367 32.51 -25.38 1.27
C ALA A 367 32.95 -23.98 1.52
N ALA A 368 31.99 -23.08 1.71
CA ALA A 368 32.24 -21.65 1.74
C ALA A 368 33.34 -21.28 2.75
N PHE A 369 33.45 -22.04 3.83
CA PHE A 369 34.39 -21.67 4.87
C PHE A 369 35.65 -22.50 4.84
N GLY A 370 35.77 -23.33 3.80
CA GLY A 370 37.02 -23.99 3.51
C GLY A 370 38.02 -22.87 3.34
N GLY A 371 39.21 -23.03 3.91
CA GLY A 371 40.23 -22.00 3.78
C GLY A 371 39.84 -20.61 4.27
N PHE A 372 38.76 -20.53 5.05
CA PHE A 372 38.22 -19.26 5.50
C PHE A 372 39.23 -18.44 6.31
N LEU A 373 39.79 -19.05 7.35
CA LEU A 373 40.75 -18.34 8.18
C LEU A 373 42.10 -18.21 7.48
N GLU A 374 42.58 -19.29 6.86
CA GLU A 374 43.86 -19.28 6.19
C GLU A 374 44.11 -17.96 5.46
N ARG A 375 43.09 -17.43 4.81
CA ARG A 375 43.22 -16.13 4.14
C ARG A 375 43.59 -15.07 5.15
N PHE A 376 43.34 -15.33 6.43
CA PHE A 376 43.62 -14.34 7.48
C PHE A 376 44.80 -14.77 8.41
N GLY A 377 45.43 -15.89 8.09
CA GLY A 377 46.45 -16.46 8.93
C GLY A 377 47.40 -15.52 9.67
N LYS A 378 48.05 -14.63 8.95
CA LYS A 378 49.00 -13.76 9.61
C LYS A 378 48.22 -12.78 10.52
N ARG A 379 47.05 -12.33 10.10
CA ARG A 379 46.30 -11.40 10.96
C ARG A 379 45.75 -12.11 12.20
N LEU A 380 45.28 -13.35 12.06
CA LEU A 380 44.82 -14.15 13.20
C LEU A 380 45.97 -14.58 14.11
N LEU A 381 47.15 -14.77 13.51
CA LEU A 381 48.35 -15.07 14.26
C LEU A 381 48.77 -13.86 15.13
N ARG A 382 48.94 -12.72 14.49
CA ARG A 382 49.36 -11.52 15.19
C ARG A 382 48.36 -11.19 16.29
N LEU A 383 47.11 -11.63 16.11
CA LEU A 383 46.00 -11.23 16.99
C LEU A 383 45.64 -12.26 18.06
N ARG A 384 46.15 -13.47 17.92
CA ARG A 384 45.95 -14.54 18.89
C ARG A 384 44.53 -15.08 18.86
N VAL A 385 43.89 -14.95 17.70
CA VAL A 385 42.59 -15.54 17.48
C VAL A 385 42.77 -17.02 17.19
N SER A 386 42.25 -17.87 18.06
CA SER A 386 42.55 -19.28 17.98
C SER A 386 41.43 -20.07 17.33
N SER A 387 40.20 -19.55 17.35
CA SER A 387 39.08 -20.35 16.86
C SER A 387 37.92 -19.46 16.52
N ALA A 388 37.06 -19.93 15.62
CA ALA A 388 35.93 -19.14 15.19
C ALA A 388 34.71 -20.01 15.02
N GLU A 389 33.54 -19.51 15.35
CA GLU A 389 32.32 -20.30 15.19
C GLU A 389 31.27 -19.58 14.34
N ILE A 390 30.80 -20.25 13.29
CA ILE A 390 29.74 -19.72 12.45
C ILE A 390 28.44 -20.45 12.64
N ARG A 391 27.34 -19.72 12.62
CA ARG A 391 26.02 -20.33 12.68
C ARG A 391 25.22 -20.01 11.43
N ILE A 392 24.87 -21.02 10.65
CA ILE A 392 24.00 -20.77 9.52
C ILE A 392 22.68 -21.55 9.58
N ILE A 393 21.61 -21.02 9.03
CA ILE A 393 20.40 -21.80 8.87
C ILE A 393 20.11 -22.11 7.40
N ILE A 394 19.67 -23.36 7.23
CA ILE A 394 19.48 -23.98 5.96
C ILE A 394 18.02 -24.31 5.77
N LYS A 395 17.46 -23.95 4.61
CA LYS A 395 16.16 -24.49 4.22
C LYS A 395 16.32 -25.98 3.88
N ASP A 396 15.65 -26.83 4.64
CA ASP A 396 15.64 -28.26 4.34
C ASP A 396 15.02 -28.50 2.96
N PRO A 397 15.65 -29.37 2.15
CA PRO A 397 15.22 -29.52 0.76
C PRO A 397 13.79 -30.05 0.69
N GLN A 398 13.48 -31.04 1.52
CA GLN A 398 12.14 -31.58 1.58
C GLN A 398 11.17 -30.78 2.44
N THR A 399 11.27 -30.96 3.76
CA THR A 399 10.34 -30.34 4.73
C THR A 399 10.14 -28.84 4.55
N GLY A 400 11.09 -28.21 3.87
CA GLY A 400 11.10 -26.77 3.72
C GLY A 400 11.32 -26.01 5.02
N ALA A 401 11.47 -26.74 6.13
CA ALA A 401 11.67 -26.18 7.47
C ALA A 401 13.12 -25.77 7.70
N PRO A 402 13.36 -24.76 8.54
CA PRO A 402 14.69 -24.23 8.79
C PRO A 402 15.55 -25.17 9.63
N VAL A 403 16.77 -25.38 9.17
CA VAL A 403 17.72 -26.18 9.93
C VAL A 403 19.06 -25.45 10.12
N PRO A 404 19.41 -25.24 11.40
CA PRO A 404 20.61 -24.63 11.99
C PRO A 404 21.88 -25.46 11.90
N LEU A 405 22.93 -24.93 11.28
CA LEU A 405 24.23 -25.60 11.34
C LEU A 405 25.19 -24.76 12.12
N ARG A 406 26.23 -25.37 12.68
CA ARG A 406 27.38 -24.64 13.20
C ARG A 406 28.63 -25.12 12.51
N ALA A 407 29.47 -24.25 12.00
CA ALA A 407 30.80 -24.70 11.64
C ALA A 407 31.74 -24.27 12.73
N LEU A 408 32.39 -25.19 13.44
CA LEU A 408 33.37 -24.79 14.43
C LEU A 408 34.76 -25.01 13.84
N ILE A 409 35.46 -23.92 13.59
CA ILE A 409 36.80 -23.99 13.00
C ILE A 409 37.83 -23.77 14.08
N ASN A 410 38.78 -24.69 14.19
CA ASN A 410 39.73 -24.64 15.30
C ASN A 410 41.17 -24.60 14.83
N ASN A 411 41.78 -23.48 15.14
CA ASN A 411 43.16 -23.14 14.88
C ASN A 411 44.14 -23.93 15.73
N VAL A 412 43.68 -24.38 16.88
CA VAL A 412 44.52 -25.07 17.84
C VAL A 412 45.09 -26.30 17.20
N SER A 413 46.25 -26.75 17.69
CA SER A 413 46.93 -27.84 17.03
C SER A 413 47.32 -27.22 15.68
N GLY A 414 47.81 -25.99 15.78
CA GLY A 414 48.21 -25.13 14.69
C GLY A 414 48.62 -25.79 13.42
N TYR A 415 48.93 -27.08 13.47
CA TYR A 415 49.40 -27.75 12.29
C TYR A 415 48.42 -27.62 11.15
N VAL A 416 47.13 -27.74 11.41
CA VAL A 416 46.18 -27.53 10.35
C VAL A 416 44.90 -27.03 11.01
N ILE A 417 43.98 -26.56 10.18
CA ILE A 417 42.73 -26.02 10.66
C ILE A 417 41.59 -27.03 10.45
N LYS A 418 41.03 -27.53 11.55
CA LYS A 418 39.89 -28.42 11.42
C LYS A 418 38.56 -27.66 11.57
N THR A 419 37.70 -27.83 10.55
CA THR A 419 36.32 -27.36 10.62
C THR A 419 35.38 -28.48 10.99
N GLU A 420 34.72 -28.43 12.13
CA GLU A 420 33.77 -29.48 12.48
C GLU A 420 32.34 -28.99 12.28
N MET A 421 31.52 -29.79 11.62
CA MET A 421 30.20 -29.31 11.29
C MET A 421 29.09 -30.04 11.98
N TYR A 422 28.23 -29.27 12.62
CA TYR A 422 27.12 -29.80 13.40
C TYR A 422 25.77 -29.31 12.94
N THR A 423 24.74 -29.93 13.48
CA THR A 423 23.40 -29.40 13.41
C THR A 423 23.12 -29.05 14.87
N GLU A 424 21.94 -28.52 15.13
CA GLU A 424 21.50 -28.32 16.49
C GLU A 424 20.32 -29.27 16.69
N VAL A 425 20.35 -30.02 17.79
CA VAL A 425 19.25 -30.92 18.11
C VAL A 425 18.90 -30.85 19.59
N LYS A 426 17.63 -31.13 19.89
CA LYS A 426 17.11 -31.28 21.24
C LYS A 426 17.43 -32.70 21.72
N ASN A 427 18.03 -32.84 22.89
CA ASN A 427 18.43 -34.16 23.34
C ASN A 427 17.39 -34.88 24.23
N ALA A 428 17.91 -35.82 25.01
CA ALA A 428 17.13 -36.54 25.99
C ALA A 428 16.56 -35.59 27.03
N LYS A 429 17.42 -34.69 27.51
CA LYS A 429 17.15 -33.81 28.65
C LYS A 429 16.31 -32.60 28.28
N GLY A 430 16.21 -32.30 27.00
CA GLY A 430 15.48 -31.14 26.53
C GLY A 430 16.32 -29.92 26.14
N GLU A 431 17.63 -30.04 26.31
CA GLU A 431 18.54 -28.99 25.93
C GLU A 431 19.11 -29.17 24.53
N TRP A 432 19.17 -28.08 23.78
CA TRP A 432 19.79 -28.09 22.46
C TRP A 432 21.21 -28.55 22.60
N VAL A 433 21.72 -29.12 21.51
CA VAL A 433 22.95 -29.89 21.58
C VAL A 433 23.57 -29.94 20.20
N PHE A 434 24.90 -29.95 20.14
CA PHE A 434 25.57 -30.15 18.87
C PHE A 434 25.35 -31.57 18.34
N LYS A 435 25.27 -31.75 17.03
CA LYS A 435 25.21 -33.08 16.43
C LYS A 435 26.04 -33.04 15.18
N SER A 436 27.15 -33.78 15.17
CA SER A 436 28.08 -33.63 14.08
C SER A 436 27.43 -34.07 12.77
N LEU A 437 27.98 -33.64 11.65
CA LEU A 437 27.41 -33.98 10.37
C LEU A 437 28.05 -35.27 9.87
N GLY A 438 29.33 -35.43 10.16
CA GLY A 438 30.01 -36.66 9.84
C GLY A 438 30.49 -37.38 11.08
N LYS A 439 31.80 -37.61 11.12
CA LYS A 439 32.44 -38.33 12.21
C LYS A 439 32.52 -37.40 13.43
N PRO A 440 32.11 -37.91 14.61
CA PRO A 440 32.02 -37.13 15.83
C PRO A 440 33.08 -36.06 15.96
N GLY A 441 32.70 -34.91 16.49
CA GLY A 441 33.66 -33.84 16.70
C GLY A 441 33.89 -33.54 18.15
N SER A 442 34.90 -32.72 18.40
CA SER A 442 35.22 -32.21 19.73
C SER A 442 33.99 -32.03 20.63
N MET A 443 32.98 -31.36 20.09
CA MET A 443 31.76 -31.11 20.84
C MET A 443 30.62 -31.94 20.30
N HIS A 444 30.85 -33.23 20.04
CA HIS A 444 29.83 -33.96 19.27
C HIS A 444 28.44 -33.99 19.87
N LEU A 445 28.30 -34.14 21.17
CA LEU A 445 26.95 -34.07 21.71
C LEU A 445 26.90 -33.18 22.95
N ARG A 446 27.80 -32.22 22.97
CA ARG A 446 27.81 -31.21 24.01
C ARG A 446 26.59 -30.28 23.85
N PRO A 447 26.07 -29.79 24.97
CA PRO A 447 24.97 -28.86 24.87
C PRO A 447 25.49 -27.48 24.40
N ILE A 448 24.76 -26.89 23.46
CA ILE A 448 25.21 -25.70 22.77
C ILE A 448 25.50 -24.55 23.73
N ALA A 449 24.71 -24.47 24.80
CA ALA A 449 24.87 -23.50 25.89
C ALA A 449 26.10 -23.67 26.79
N THR A 450 26.98 -24.62 26.48
CA THR A 450 28.14 -24.86 27.34
C THR A 450 29.05 -23.65 27.35
N PRO A 451 29.26 -23.08 28.54
CA PRO A 451 30.17 -21.95 28.62
C PRO A 451 31.58 -22.33 28.28
N TYR A 452 32.26 -21.55 27.43
CA TYR A 452 33.69 -21.66 27.22
C TYR A 452 34.49 -21.88 28.53
N PRO A 453 35.17 -23.02 28.60
CA PRO A 453 36.10 -23.42 29.66
C PRO A 453 37.16 -22.37 29.95
N VAL A 454 37.71 -22.39 31.15
CA VAL A 454 38.73 -21.42 31.56
C VAL A 454 40.12 -22.08 31.63
N LYS A 455 41.17 -21.28 31.55
CA LYS A 455 42.51 -21.78 31.82
C LYS A 455 42.66 -22.06 33.31
N GLU A 456 42.48 -23.31 33.71
CA GLU A 456 42.44 -23.66 35.13
C GLU A 456 43.82 -23.70 35.74
N TRP A 457 44.81 -24.09 34.96
CA TRP A 457 46.18 -24.15 35.45
C TRP A 457 46.66 -22.77 35.92
N LEU A 458 45.89 -21.72 35.66
CA LEU A 458 46.20 -20.41 36.21
C LEU A 458 45.42 -20.12 37.51
N GLN A 459 44.97 -21.18 38.18
CA GLN A 459 44.25 -21.06 39.46
C GLN A 459 45.17 -21.28 40.65
N PRO A 460 45.20 -20.31 41.57
CA PRO A 460 45.96 -20.38 42.83
C PRO A 460 45.52 -21.55 43.72
N SER B 1 -16.75 10.72 0.45
CA SER B 1 -15.66 9.77 0.38
C SER B 1 -14.51 10.25 -0.53
N VAL B 2 -14.40 11.55 -0.78
CA VAL B 2 -13.51 11.99 -1.87
C VAL B 2 -12.07 11.55 -1.65
N LYS B 3 -11.44 12.15 -0.66
CA LYS B 3 -10.05 11.80 -0.38
C LYS B 3 -9.95 10.44 0.30
N GLU B 4 -11.08 9.75 0.44
CA GLU B 4 -11.12 8.37 0.91
C GLU B 4 -11.05 7.40 -0.26
N ARG B 5 -11.85 7.71 -1.29
CA ARG B 5 -11.87 6.93 -2.52
C ARG B 5 -10.57 7.12 -3.28
N THR B 6 -10.01 8.33 -3.16
CA THR B 6 -8.72 8.63 -3.75
C THR B 6 -7.72 7.62 -3.25
N GLU B 7 -7.61 7.52 -1.93
CA GLU B 7 -6.63 6.63 -1.31
C GLU B 7 -6.92 5.15 -1.54
N GLN B 8 -8.20 4.80 -1.59
CA GLN B 8 -8.60 3.42 -1.91
C GLN B 8 -8.21 3.03 -3.33
N ILE B 9 -8.19 4.00 -4.24
CA ILE B 9 -7.75 3.75 -5.60
C ILE B 9 -6.25 3.59 -5.63
N GLU B 10 -5.55 4.49 -4.95
CA GLU B 10 -4.11 4.41 -4.86
C GLU B 10 -3.70 3.00 -4.46
N HIS B 11 -4.41 2.44 -3.48
CA HIS B 11 -4.06 1.12 -3.00
C HIS B 11 -4.26 0.10 -4.09
N ILE B 12 -5.53 -0.18 -4.39
CA ILE B 12 -5.93 -1.20 -5.35
C ILE B 12 -5.03 -1.27 -6.58
N LEU B 13 -4.57 -0.12 -7.04
CA LEU B 13 -3.68 -0.05 -8.21
C LEU B 13 -2.31 -0.63 -7.90
N LYS B 14 -1.60 -0.03 -6.93
CA LYS B 14 -0.28 -0.51 -6.51
C LYS B 14 -0.28 -1.98 -6.16
N SER B 15 -1.44 -2.51 -5.80
CA SER B 15 -1.54 -3.89 -5.35
C SER B 15 -1.86 -4.83 -6.49
N SER B 16 -1.93 -4.28 -7.70
CA SER B 16 -2.26 -5.06 -8.90
C SER B 16 -1.00 -5.66 -9.51
N VAL B 17 0.10 -4.91 -9.45
CA VAL B 17 1.38 -5.43 -9.93
C VAL B 17 2.41 -5.41 -8.79
N VAL B 18 1.96 -5.77 -7.60
CA VAL B 18 2.85 -6.28 -6.57
C VAL B 18 2.75 -7.80 -6.68
N LYS B 19 3.79 -8.44 -7.21
CA LYS B 19 3.71 -9.86 -7.55
C LYS B 19 4.40 -10.78 -6.53
N VAL B 20 5.56 -10.37 -6.02
CA VAL B 20 6.33 -11.23 -5.13
C VAL B 20 6.40 -10.70 -3.70
N ALA B 21 7.02 -11.47 -2.82
CA ALA B 21 7.00 -11.15 -1.40
C ALA B 21 8.15 -10.25 -0.99
N TYR B 22 8.16 -9.93 0.31
CA TYR B 22 9.11 -9.01 0.89
C TYR B 22 10.53 -9.34 0.51
N GLY B 23 11.36 -8.32 0.40
CA GLY B 23 12.78 -8.52 0.19
C GLY B 23 13.12 -8.85 -1.24
N SER B 24 12.16 -9.46 -1.94
CA SER B 24 12.36 -9.86 -3.33
C SER B 24 12.43 -8.63 -4.22
N SER B 25 12.67 -8.83 -5.51
CA SER B 25 12.72 -7.70 -6.41
C SER B 25 11.67 -7.84 -7.51
N ASN B 26 10.92 -6.77 -7.72
CA ASN B 26 9.84 -6.77 -8.67
C ASN B 26 10.37 -6.55 -10.09
N PRO B 27 9.84 -7.31 -11.07
CA PRO B 27 10.21 -7.11 -12.47
C PRO B 27 9.88 -5.69 -12.93
N LYS B 28 10.86 -4.98 -13.49
CA LYS B 28 10.72 -3.57 -13.89
C LYS B 28 9.39 -3.25 -14.61
N ARG B 29 8.96 -4.16 -15.48
CA ARG B 29 7.64 -4.06 -16.10
C ARG B 29 6.83 -5.29 -15.75
N SER B 30 5.51 -5.15 -15.80
CA SER B 30 4.64 -6.27 -15.51
C SER B 30 3.18 -5.86 -15.70
N GLU B 31 2.35 -6.85 -16.03
CA GLU B 31 0.94 -6.62 -16.28
C GLU B 31 0.11 -6.82 -15.01
N PRO B 32 -0.71 -5.81 -14.67
CA PRO B 32 -1.60 -5.82 -13.50
C PRO B 32 -2.80 -6.74 -13.67
N ASP B 33 -3.03 -7.62 -12.70
CA ASP B 33 -4.13 -8.58 -12.76
C ASP B 33 -5.49 -7.90 -12.78
N LEU B 34 -6.43 -8.46 -13.53
CA LEU B 34 -7.74 -7.84 -13.67
C LEU B 34 -8.68 -8.13 -12.50
N ASN B 35 -8.41 -9.19 -11.73
CA ASN B 35 -9.20 -9.46 -10.53
C ASN B 35 -8.98 -8.38 -9.49
N ILE B 36 -7.73 -7.99 -9.30
CA ILE B 36 -7.36 -6.97 -8.33
C ILE B 36 -7.87 -5.60 -8.78
N LEU B 37 -8.23 -5.49 -10.05
CA LEU B 37 -8.67 -4.23 -10.61
C LEU B 37 -10.17 -4.19 -10.86
N LYS B 38 -10.71 -5.35 -11.23
CA LYS B 38 -12.12 -5.52 -11.58
C LYS B 38 -13.08 -4.69 -10.74
N ASP B 39 -13.03 -4.87 -9.42
CA ASP B 39 -14.00 -4.20 -8.56
C ASP B 39 -13.84 -2.69 -8.60
N LEU B 40 -12.73 -2.23 -9.12
CA LEU B 40 -12.55 -0.82 -9.43
C LEU B 40 -13.20 -0.54 -10.77
N ILE B 41 -13.09 -1.49 -11.68
CA ILE B 41 -13.67 -1.39 -13.00
C ILE B 41 -15.19 -1.52 -12.92
N ASP B 42 -15.66 -2.69 -12.50
CA ASP B 42 -17.09 -2.97 -12.39
C ASP B 42 -17.74 -2.26 -11.20
N SER B 43 -17.14 -1.20 -10.68
CA SER B 43 -17.70 -0.58 -9.49
C SER B 43 -18.95 0.23 -9.84
N ASN B 44 -19.85 0.37 -8.87
CA ASN B 44 -21.09 1.11 -9.06
C ASN B 44 -20.94 2.55 -8.68
N TYR B 45 -19.94 2.81 -7.83
CA TYR B 45 -19.61 4.15 -7.42
C TYR B 45 -18.84 4.85 -8.54
N VAL B 46 -18.86 6.18 -8.55
CA VAL B 46 -18.14 6.93 -9.56
C VAL B 46 -16.63 6.76 -9.39
N VAL B 47 -15.93 6.50 -10.48
CA VAL B 47 -14.48 6.28 -10.42
C VAL B 47 -13.74 7.46 -11.05
N PHE B 48 -14.13 7.83 -12.24
CA PHE B 48 -13.41 8.85 -12.95
C PHE B 48 -13.26 10.16 -12.25
N ASP B 49 -14.04 10.41 -11.20
CA ASP B 49 -13.90 11.69 -10.52
C ASP B 49 -12.49 11.78 -9.98
N VAL B 50 -11.97 10.68 -9.44
CA VAL B 50 -10.62 10.70 -8.87
C VAL B 50 -9.50 9.97 -9.60
N LEU B 51 -9.82 9.05 -10.48
CA LEU B 51 -8.84 8.24 -11.19
C LEU B 51 -7.83 8.91 -12.08
N LEU B 52 -8.18 10.05 -12.63
CA LEU B 52 -7.30 10.72 -13.57
C LEU B 52 -5.94 11.21 -13.11
N GLN B 53 -5.82 11.70 -11.91
CA GLN B 53 -4.56 12.26 -11.45
C GLN B 53 -3.43 11.26 -11.49
N PHE B 54 -3.75 10.00 -11.31
CA PHE B 54 -2.74 8.98 -11.31
C PHE B 54 -1.96 8.83 -12.60
N LEU B 55 -2.62 9.01 -13.71
CA LEU B 55 -1.95 8.88 -14.98
C LEU B 55 -0.69 9.74 -14.94
N THR B 56 -0.78 10.86 -14.22
CA THR B 56 0.32 11.81 -14.07
C THR B 56 0.98 11.72 -12.68
N HIS B 57 0.73 10.59 -12.03
CA HIS B 57 1.64 10.05 -11.02
C HIS B 57 2.76 9.52 -11.90
N GLN B 58 3.95 9.26 -11.37
CA GLN B 58 5.02 8.96 -12.32
C GLN B 58 5.84 7.68 -12.11
N ASP B 59 5.43 6.80 -11.21
CA ASP B 59 6.01 5.46 -11.25
C ASP B 59 5.35 4.69 -12.37
N PRO B 60 6.10 4.43 -13.45
CA PRO B 60 5.56 4.04 -14.75
C PRO B 60 4.64 2.83 -14.66
N VAL B 61 4.83 2.01 -13.64
CA VAL B 61 4.08 0.78 -13.51
C VAL B 61 2.73 1.03 -12.84
N VAL B 62 2.56 2.24 -12.30
CA VAL B 62 1.29 2.67 -11.72
C VAL B 62 0.44 3.36 -12.79
N THR B 63 1.01 4.38 -13.42
CA THR B 63 0.40 5.06 -14.56
C THR B 63 -0.07 4.06 -15.60
N ALA B 64 0.51 2.88 -15.59
CA ALA B 64 0.09 1.85 -16.53
C ALA B 64 -1.23 1.21 -16.13
N ALA B 65 -1.38 0.93 -14.83
CA ALA B 65 -2.57 0.20 -14.36
C ALA B 65 -3.78 1.11 -14.04
N ALA B 66 -3.53 2.42 -13.89
CA ALA B 66 -4.62 3.37 -13.74
C ALA B 66 -5.37 3.48 -15.07
N ALA B 67 -4.62 3.79 -16.13
CA ALA B 67 -5.17 3.86 -17.48
C ALA B 67 -5.87 2.56 -17.87
N GLN B 68 -5.31 1.42 -17.46
CA GLN B 68 -5.93 0.13 -17.72
C GLN B 68 -7.38 0.05 -17.22
N VAL B 69 -7.63 0.60 -16.04
CA VAL B 69 -8.99 0.61 -15.50
C VAL B 69 -9.83 1.53 -16.37
N TYR B 70 -9.29 2.69 -16.70
CA TYR B 70 -10.05 3.68 -17.43
C TYR B 70 -10.53 3.16 -18.78
N ILE B 71 -9.61 2.64 -19.58
CA ILE B 71 -9.98 2.03 -20.85
C ILE B 71 -11.02 0.94 -20.63
N ARG B 72 -10.71 0.00 -19.75
CA ARG B 72 -11.57 -1.17 -19.58
C ARG B 72 -12.91 -0.77 -18.96
N ARG B 73 -12.92 0.38 -18.29
CA ARG B 73 -14.14 0.88 -17.68
C ARG B 73 -14.93 1.72 -18.66
N ALA B 74 -14.25 2.54 -19.44
CA ALA B 74 -14.94 3.41 -20.40
C ALA B 74 -15.48 2.62 -21.60
N TYR B 75 -14.80 1.54 -21.95
CA TYR B 75 -15.24 0.71 -23.07
C TYR B 75 -15.92 -0.54 -22.51
N ARG B 76 -16.49 -0.35 -21.33
CA ARG B 76 -17.36 -1.32 -20.69
C ARG B 76 -18.55 -1.75 -21.56
N ALA B 77 -18.91 -0.94 -22.55
CA ALA B 77 -19.95 -1.36 -23.49
C ALA B 77 -19.38 -2.23 -24.61
N TYR B 78 -18.17 -1.91 -25.04
CA TYR B 78 -17.55 -2.55 -26.20
C TYR B 78 -16.99 -3.94 -25.90
N THR B 79 -16.46 -4.59 -26.94
CA THR B 79 -15.62 -5.78 -26.76
C THR B 79 -14.15 -5.38 -26.79
N ILE B 80 -13.41 -5.77 -25.75
CA ILE B 80 -12.01 -5.36 -25.64
C ILE B 80 -11.02 -6.50 -25.91
N GLY B 81 -10.18 -6.29 -26.93
CA GLY B 81 -9.20 -7.29 -27.32
C GLY B 81 -7.90 -7.12 -26.58
N ASP B 82 -6.84 -6.79 -27.30
CA ASP B 82 -5.52 -6.71 -26.72
C ASP B 82 -5.20 -5.32 -26.16
N ILE B 83 -4.39 -5.30 -25.11
CA ILE B 83 -3.81 -4.05 -24.64
C ILE B 83 -2.29 -4.14 -24.58
N ARG B 84 -1.65 -3.06 -24.99
CA ARG B 84 -0.19 -3.02 -25.07
C ARG B 84 0.29 -1.65 -24.68
N VAL B 85 1.45 -1.59 -24.03
CA VAL B 85 1.99 -0.33 -23.55
C VAL B 85 3.47 -0.21 -23.89
N HIS B 86 3.93 1.01 -24.12
CA HIS B 86 5.34 1.21 -24.37
C HIS B 86 5.83 2.62 -24.06
N GLU B 87 7.15 2.74 -23.98
CA GLU B 87 7.87 4.00 -23.93
C GLU B 87 7.62 4.89 -25.14
N GLY B 88 7.47 6.18 -24.89
CA GLY B 88 7.53 7.17 -25.95
C GLY B 88 8.86 7.87 -25.79
N VAL B 89 9.03 9.02 -26.44
CA VAL B 89 10.27 9.80 -26.28
C VAL B 89 10.27 10.47 -24.92
N THR B 90 9.10 10.47 -24.30
CA THR B 90 8.92 11.05 -23.00
C THR B 90 7.92 10.27 -22.17
N VAL B 91 6.66 10.32 -22.60
CA VAL B 91 5.54 9.68 -21.92
C VAL B 91 5.03 8.41 -22.56
N PRO B 92 4.67 7.41 -21.68
CA PRO B 92 4.23 6.15 -22.31
C PRO B 92 2.86 6.19 -22.96
N ILE B 93 2.57 5.22 -23.81
CA ILE B 93 1.31 5.20 -24.50
C ILE B 93 0.57 3.87 -24.37
N VAL B 94 -0.73 3.95 -24.19
CA VAL B 94 -1.57 2.78 -24.02
C VAL B 94 -2.50 2.61 -25.22
N GLU B 95 -2.31 1.51 -25.96
CA GLU B 95 -3.10 1.19 -27.16
C GLU B 95 -4.02 0.01 -26.88
N TRP B 96 -5.24 0.04 -27.42
CA TRP B 96 -6.19 -1.05 -27.26
C TRP B 96 -7.12 -1.24 -28.47
N LYS B 97 -7.78 -2.41 -28.53
CA LYS B 97 -8.69 -2.73 -29.63
C LYS B 97 -10.11 -2.85 -29.11
N PHE B 98 -11.11 -2.77 -30.01
CA PHE B 98 -12.52 -2.87 -29.59
C PHE B 98 -13.58 -2.93 -30.67
N GLN B 99 -14.75 -3.45 -30.30
CA GLN B 99 -15.93 -3.54 -31.18
C GLN B 99 -17.25 -3.72 -30.41
N VAL B 121 -22.56 0.80 -35.02
CA VAL B 121 -21.35 1.46 -35.53
C VAL B 121 -20.51 2.09 -34.39
N SEP B 122 -21.15 2.90 -33.53
CA SEP B 122 -20.51 3.53 -32.38
CB SEP B 122 -19.61 4.71 -32.77
OG SEP B 122 -18.27 4.43 -32.34
C SEP B 122 -21.51 4.04 -31.39
O SEP B 122 -22.69 4.24 -31.65
P SEP B 122 -17.62 5.58 -31.38
O1P SEP B 122 -16.28 4.94 -30.81
O2P SEP B 122 -18.59 5.88 -30.12
O3P SEP B 122 -17.34 6.94 -32.23
N VAL B 123 -20.98 4.34 -30.21
CA VAL B 123 -21.74 4.87 -29.10
C VAL B 123 -21.84 6.39 -29.19
N SER B 124 -20.84 7.03 -29.78
CA SER B 124 -20.81 8.50 -29.84
C SER B 124 -20.89 9.03 -31.27
N ASP B 125 -20.98 8.11 -32.24
CA ASP B 125 -21.31 8.46 -33.63
C ASP B 125 -22.26 7.40 -34.15
N LEU B 126 -23.50 7.80 -34.39
CA LEU B 126 -24.56 6.84 -34.73
C LEU B 126 -24.69 6.71 -36.25
N SER B 127 -23.61 7.07 -36.95
CA SER B 127 -23.47 6.94 -38.39
C SER B 127 -22.15 6.24 -38.80
N ARG B 138 -10.52 -2.71 -34.56
CA ARG B 138 -10.65 -1.29 -34.26
C ARG B 138 -9.78 -0.86 -33.06
N GLU B 139 -9.33 0.40 -33.04
CA GLU B 139 -8.29 0.79 -32.07
C GLU B 139 -8.21 2.27 -31.61
N GLY B 140 -7.67 2.47 -30.40
CA GLY B 140 -7.45 3.80 -29.86
C GLY B 140 -6.22 3.91 -28.95
N ILE B 141 -5.83 5.14 -28.63
CA ILE B 141 -4.59 5.46 -27.92
C ILE B 141 -4.81 6.35 -26.69
N LEU B 142 -4.11 6.05 -25.59
CA LEU B 142 -4.20 6.87 -24.37
C LEU B 142 -2.85 7.52 -23.94
N MET B 143 -2.89 8.81 -23.58
CA MET B 143 -1.70 9.59 -23.25
C MET B 143 -1.95 10.59 -22.10
N ALA B 144 -0.92 10.82 -21.30
CA ALA B 144 -1.05 11.74 -20.16
C ALA B 144 0.14 12.67 -20.06
N VAL B 145 -0.14 13.95 -19.95
CA VAL B 145 0.91 14.94 -19.80
C VAL B 145 0.69 15.76 -18.54
N ASP B 146 1.52 16.76 -18.35
CA ASP B 146 1.52 17.52 -17.11
C ASP B 146 0.75 18.82 -17.29
N HIS B 147 1.15 19.61 -18.29
CA HIS B 147 0.48 20.86 -18.66
C HIS B 147 -0.03 20.69 -20.09
N LEU B 148 -0.87 21.60 -20.57
CA LEU B 148 -1.34 21.54 -21.94
C LEU B 148 -0.19 21.76 -22.92
N ASP B 149 0.82 22.49 -22.46
CA ASP B 149 1.99 22.76 -23.29
C ASP B 149 2.73 21.47 -23.66
N ASP B 150 2.65 20.46 -22.80
CA ASP B 150 3.24 19.15 -23.07
C ASP B 150 2.66 18.46 -24.30
N VAL B 151 1.48 18.91 -24.71
CA VAL B 151 0.63 18.14 -25.64
C VAL B 151 1.17 18.05 -27.07
N ASP B 152 1.46 19.21 -27.65
CA ASP B 152 2.02 19.30 -29.01
C ASP B 152 3.21 18.34 -29.17
N GLU B 153 4.15 18.42 -28.23
CA GLU B 153 5.37 17.60 -28.23
C GLU B 153 5.07 16.11 -28.31
N ILE B 154 4.13 15.68 -27.50
CA ILE B 154 3.87 14.25 -27.38
C ILE B 154 3.00 13.73 -28.51
N LEU B 155 2.08 14.56 -28.98
CA LEU B 155 0.98 14.11 -29.84
C LEU B 155 1.40 13.30 -31.07
N SER B 156 2.07 13.97 -32.01
CA SER B 156 2.61 13.32 -33.19
C SER B 156 3.49 12.13 -32.80
N GLN B 157 4.45 12.41 -31.93
CA GLN B 157 5.36 11.41 -31.36
C GLN B 157 4.65 10.10 -31.04
N SER B 158 3.46 10.20 -30.47
CA SER B 158 2.72 9.04 -29.96
C SER B 158 1.81 8.38 -31.01
N LEU B 159 1.21 9.20 -31.86
CA LEU B 159 0.29 8.69 -32.87
C LEU B 159 0.92 7.56 -33.66
N GLU B 160 2.23 7.71 -33.93
CA GLU B 160 3.01 6.87 -34.84
C GLU B 160 2.74 5.38 -34.74
N VAL B 161 2.06 4.95 -33.69
CA VAL B 161 1.56 3.59 -33.66
C VAL B 161 0.20 3.50 -34.36
N LEU B 183 -11.40 6.85 -41.43
CA LEU B 183 -11.13 7.20 -40.05
C LEU B 183 -11.86 6.26 -39.12
N SER B 184 -11.14 5.37 -38.47
CA SER B 184 -11.78 4.45 -37.54
C SER B 184 -11.17 4.41 -36.16
N ASN B 185 -10.32 5.36 -35.82
CA ASN B 185 -9.68 5.32 -34.52
C ASN B 185 -9.82 6.56 -33.67
N VAL B 186 -9.67 6.36 -32.37
CA VAL B 186 -9.88 7.40 -31.38
C VAL B 186 -8.73 7.66 -30.44
N ALA B 187 -8.69 8.89 -29.97
CA ALA B 187 -7.65 9.28 -29.07
C ALA B 187 -8.15 10.01 -27.85
N ASN B 188 -7.66 9.53 -26.72
CA ASN B 188 -7.88 10.06 -25.38
C ASN B 188 -6.56 10.59 -24.80
N VAL B 189 -6.56 11.88 -24.52
CA VAL B 189 -5.39 12.58 -24.03
C VAL B 189 -5.62 13.15 -22.63
N CYS B 190 -5.02 12.59 -21.58
CA CYS B 190 -5.23 13.20 -20.28
C CYS B 190 -4.34 14.41 -20.06
N VAL B 191 -4.81 15.35 -19.24
CA VAL B 191 -4.07 16.56 -18.99
C VAL B 191 -4.24 16.99 -17.54
N ALA B 192 -3.10 17.19 -16.87
CA ALA B 192 -3.07 17.29 -15.41
C ALA B 192 -3.18 18.71 -14.88
N SER B 193 -2.87 19.70 -15.72
CA SER B 193 -3.01 21.11 -15.31
C SER B 193 -3.13 22.06 -16.49
N THR B 194 -3.63 23.26 -16.22
CA THR B 194 -4.01 24.16 -17.29
C THR B 194 -3.96 25.61 -16.82
N GLY B 196 -1.24 27.57 -16.51
CA GLY B 196 -1.12 29.01 -16.68
C GLY B 196 -2.12 29.58 -17.67
N PHE B 197 -3.35 29.06 -17.63
CA PHE B 197 -4.40 29.45 -18.56
C PHE B 197 -5.52 30.23 -17.87
N GLU B 198 -5.93 31.33 -18.48
CA GLU B 198 -6.85 32.27 -17.82
C GLU B 198 -8.31 31.84 -17.89
N SER B 199 -8.72 31.20 -18.98
CA SER B 199 -10.12 30.80 -19.14
C SER B 199 -10.32 29.65 -20.12
N GLU B 200 -11.58 29.28 -20.35
CA GLU B 200 -11.92 28.10 -21.16
C GLU B 200 -11.67 28.29 -22.64
N GLU B 201 -12.10 29.42 -23.19
CA GLU B 201 -11.95 29.68 -24.62
C GLU B 201 -10.51 29.86 -25.04
N GLU B 202 -9.67 30.34 -24.14
CA GLU B 202 -8.23 30.42 -24.42
C GLU B 202 -7.70 29.00 -24.55
N ILE B 203 -8.22 28.10 -23.73
CA ILE B 203 -7.82 26.70 -23.80
C ILE B 203 -8.25 26.07 -25.10
N LEU B 204 -9.53 26.26 -25.42
CA LEU B 204 -10.13 25.66 -26.60
C LEU B 204 -9.37 26.02 -27.86
N VAL B 205 -9.20 27.32 -28.11
CA VAL B 205 -8.48 27.78 -29.29
C VAL B 205 -7.10 27.19 -29.37
N ARG B 206 -6.43 27.13 -28.22
CA ARG B 206 -5.12 26.51 -28.16
C ARG B 206 -5.25 25.09 -28.61
N LEU B 207 -6.33 24.44 -28.19
CA LEU B 207 -6.49 23.03 -28.44
C LEU B 207 -6.78 22.73 -29.90
N ARG B 208 -7.29 23.71 -30.65
CA ARG B 208 -7.44 23.49 -32.08
C ARG B 208 -6.17 23.87 -32.84
N GLU B 209 -5.46 24.90 -32.37
CA GLU B 209 -4.11 25.18 -32.87
C GLU B 209 -3.35 23.87 -32.92
N ILE B 210 -3.37 23.17 -31.79
CA ILE B 210 -2.73 21.86 -31.62
C ILE B 210 -3.22 20.86 -32.66
N LEU B 211 -4.40 21.10 -33.19
CA LEU B 211 -4.99 20.24 -34.20
C LEU B 211 -4.80 20.80 -35.61
N ASP B 212 -4.78 22.13 -35.73
CA ASP B 212 -4.48 22.81 -36.99
C ASP B 212 -3.02 22.64 -37.39
N LEU B 213 -2.16 22.39 -36.40
CA LEU B 213 -0.73 22.18 -36.67
C LEU B 213 -0.38 20.70 -36.72
N ASN B 214 -1.35 19.86 -36.42
CA ASN B 214 -1.07 18.43 -36.40
C ASN B 214 -1.94 17.69 -37.40
N LYS B 215 -3.10 18.25 -37.74
CA LYS B 215 -4.22 17.48 -38.29
C LYS B 215 -3.83 16.37 -39.26
N GLN B 216 -2.81 16.59 -40.06
CA GLN B 216 -2.41 15.56 -41.03
C GLN B 216 -1.98 14.28 -40.33
N GLU B 217 -1.26 14.42 -39.22
CA GLU B 217 -0.75 13.24 -38.49
C GLU B 217 -1.86 12.37 -37.91
N LEU B 218 -2.97 13.02 -37.56
CA LEU B 218 -4.14 12.34 -37.01
C LEU B 218 -4.85 11.50 -38.06
N ILE B 219 -4.96 12.08 -39.24
CA ILE B 219 -5.66 11.44 -40.34
C ILE B 219 -4.96 10.15 -40.70
N ASN B 220 -3.64 10.22 -40.80
CA ASN B 220 -2.85 9.06 -41.20
C ASN B 220 -3.00 7.93 -40.18
N ALA B 221 -3.33 8.30 -38.95
CA ALA B 221 -3.67 7.35 -37.89
C ALA B 221 -5.15 6.94 -37.99
N SER B 222 -5.84 7.52 -38.98
CA SER B 222 -7.28 7.34 -39.18
C SER B 222 -8.04 7.57 -37.88
N ILE B 223 -7.80 8.72 -37.27
CA ILE B 223 -8.43 9.07 -36.02
C ILE B 223 -9.81 9.66 -36.25
N ARG B 224 -10.86 8.90 -35.92
CA ARG B 224 -12.23 9.38 -36.03
C ARG B 224 -12.46 10.58 -35.13
N ARG B 225 -12.31 10.35 -33.83
CA ARG B 225 -12.43 11.39 -32.80
C ARG B 225 -11.19 11.44 -31.91
N ILE B 226 -10.90 12.61 -31.36
CA ILE B 226 -9.90 12.73 -30.31
C ILE B 226 -10.43 13.55 -29.13
N THR B 227 -10.22 13.01 -27.91
CA THR B 227 -10.78 13.56 -26.66
C THR B 227 -9.75 14.17 -25.72
N PHE B 228 -9.88 15.47 -25.46
CA PHE B 228 -9.04 16.13 -24.46
C PHE B 228 -9.77 16.23 -23.14
N MET B 229 -9.12 15.75 -22.11
CA MET B 229 -9.79 15.24 -20.93
C MET B 229 -9.04 15.61 -19.68
N PHE B 230 -9.60 16.54 -18.93
CA PHE B 230 -8.84 17.23 -17.90
C PHE B 230 -9.27 16.84 -16.48
N GLY B 231 -8.68 15.79 -15.93
CA GLY B 231 -9.01 15.30 -14.60
C GLY B 231 -8.85 16.30 -13.45
N PHE B 232 -9.39 15.95 -12.29
CA PHE B 232 -9.43 16.85 -11.13
C PHE B 232 -9.15 16.15 -9.80
N LYS B 233 -8.80 16.95 -8.79
CA LYS B 233 -8.54 16.42 -7.45
C LYS B 233 -9.64 16.82 -6.46
N ASP B 234 -10.47 17.80 -6.84
CA ASP B 234 -11.53 18.33 -5.97
C ASP B 234 -12.58 17.27 -5.61
N GLY B 235 -12.81 16.34 -6.54
CA GLY B 235 -13.94 15.43 -6.47
C GLY B 235 -14.82 15.75 -7.65
N SER B 236 -14.59 16.94 -8.18
CA SER B 236 -15.25 17.42 -9.38
C SER B 236 -15.03 16.43 -10.51
N TYR B 237 -15.98 16.37 -11.44
CA TYR B 237 -15.94 15.37 -12.52
C TYR B 237 -15.15 15.93 -13.70
N PRO B 238 -14.35 15.08 -14.37
CA PRO B 238 -13.40 15.56 -15.38
C PRO B 238 -14.06 16.32 -16.54
N LYS B 239 -13.31 17.24 -17.14
CA LYS B 239 -13.81 17.97 -18.29
C LYS B 239 -13.38 17.25 -19.56
N TYR B 240 -14.26 17.24 -20.55
CA TYR B 240 -13.99 16.57 -21.80
C TYR B 240 -14.19 17.48 -22.99
N TYR B 241 -13.30 17.35 -23.96
CA TYR B 241 -13.51 17.94 -25.26
C TYR B 241 -13.14 16.90 -26.27
N THR B 242 -14.13 16.47 -27.05
CA THR B 242 -13.89 15.55 -28.14
C THR B 242 -14.02 16.25 -29.47
N PHE B 243 -13.14 15.87 -30.41
CA PHE B 243 -13.07 16.43 -31.76
C PHE B 243 -13.03 15.29 -32.73
N ASN B 244 -13.59 15.45 -33.91
CA ASN B 244 -13.54 14.32 -34.82
C ASN B 244 -13.53 14.70 -36.27
N GLY B 245 -13.76 13.69 -37.11
CA GLY B 245 -13.94 13.86 -38.54
C GLY B 245 -12.66 14.37 -39.14
N PRO B 246 -12.59 14.40 -40.48
CA PRO B 246 -11.42 14.95 -41.16
C PRO B 246 -11.05 16.36 -40.70
N ASN B 247 -11.96 17.07 -40.05
CA ASN B 247 -11.70 18.49 -39.77
C ASN B 247 -11.43 18.80 -38.31
N TYR B 248 -11.63 17.82 -37.44
CA TYR B 248 -11.40 17.96 -36.00
C TYR B 248 -11.85 19.32 -35.47
N ASN B 249 -13.12 19.60 -35.74
CA ASN B 249 -13.82 20.64 -35.02
C ASN B 249 -14.41 19.92 -33.82
N GLU B 250 -14.78 20.66 -32.78
CA GLU B 250 -15.38 19.99 -31.62
C GLU B 250 -16.77 19.45 -31.93
N ASN B 251 -16.99 18.19 -31.53
CA ASN B 251 -18.31 17.60 -31.33
C ASN B 251 -18.88 18.18 -30.01
N GLU B 252 -19.50 19.33 -30.07
CA GLU B 252 -20.00 19.99 -28.88
C GLU B 252 -21.05 19.22 -28.09
N THR B 253 -21.93 18.53 -28.77
CA THR B 253 -23.01 17.84 -28.13
C THR B 253 -22.53 16.82 -27.14
N ILE B 254 -21.33 16.32 -27.33
CA ILE B 254 -20.81 15.31 -26.46
C ILE B 254 -19.69 15.86 -25.59
N ARG B 255 -19.74 17.14 -25.33
CA ARG B 255 -18.68 17.83 -24.67
C ARG B 255 -18.13 17.45 -23.32
N HIS B 256 -18.95 17.09 -22.35
CA HIS B 256 -18.40 16.77 -21.05
C HIS B 256 -18.51 15.35 -20.63
N ILE B 257 -18.48 14.44 -21.58
CA ILE B 257 -18.59 13.05 -21.25
C ILE B 257 -17.64 12.17 -22.03
N GLU B 258 -17.27 11.03 -21.47
CA GLU B 258 -16.39 10.13 -22.16
C GLU B 258 -17.16 9.56 -23.32
N PRO B 259 -16.50 9.62 -24.53
CA PRO B 259 -17.26 9.11 -25.66
C PRO B 259 -17.74 7.69 -25.52
N ALA B 260 -16.99 6.82 -24.89
CA ALA B 260 -17.44 5.43 -24.78
C ALA B 260 -18.75 5.32 -24.04
N LEU B 261 -19.03 6.31 -23.21
CA LEU B 261 -20.24 6.30 -22.39
C LEU B 261 -21.33 7.25 -22.83
N ALA B 262 -21.33 7.65 -24.08
CA ALA B 262 -22.29 8.65 -24.51
C ALA B 262 -23.69 8.08 -24.75
N PHE B 263 -23.84 6.79 -24.49
CA PHE B 263 -25.17 6.21 -24.49
C PHE B 263 -25.89 6.63 -23.25
N GLN B 264 -25.14 7.10 -22.27
CA GLN B 264 -25.72 7.58 -21.03
C GLN B 264 -26.64 8.77 -21.27
N LEU B 265 -26.35 9.55 -22.31
CA LEU B 265 -27.21 10.64 -22.66
C LEU B 265 -28.40 10.18 -23.50
N GLU B 266 -28.28 9.01 -24.10
CA GLU B 266 -29.29 8.49 -25.00
C GLU B 266 -29.71 9.49 -26.09
N LEU B 267 -28.74 10.01 -26.81
CA LEU B 267 -29.05 11.03 -27.80
C LEU B 267 -29.70 10.44 -29.05
N GLY B 268 -29.63 9.11 -29.22
CA GLY B 268 -30.26 8.48 -30.35
C GLY B 268 -31.72 8.91 -30.41
N ARG B 269 -32.28 9.15 -29.25
CA ARG B 269 -33.68 9.48 -29.09
C ARG B 269 -34.08 10.90 -29.55
N LEU B 270 -33.16 11.70 -30.05
CA LEU B 270 -33.52 13.01 -30.57
C LEU B 270 -33.44 13.03 -32.10
N SER B 271 -33.40 11.84 -32.69
CA SER B 271 -33.24 11.62 -34.15
C SER B 271 -34.28 12.32 -35.07
N ASN B 272 -35.33 12.96 -34.52
CA ASN B 272 -36.20 13.74 -35.39
C ASN B 272 -35.97 15.23 -35.23
N PHE B 273 -34.96 15.61 -34.46
CA PHE B 273 -34.73 17.03 -34.26
C PHE B 273 -33.37 17.45 -34.76
N ASN B 274 -33.23 18.71 -35.12
CA ASN B 274 -31.94 19.32 -35.21
C ASN B 274 -31.53 19.79 -33.83
N ILE B 275 -30.51 19.19 -33.26
CA ILE B 275 -29.98 19.56 -31.94
C ILE B 275 -29.00 20.69 -32.02
N LYS B 276 -28.81 21.38 -30.91
CA LYS B 276 -27.77 22.38 -30.75
C LYS B 276 -27.52 22.48 -29.25
N PRO B 277 -26.32 22.15 -28.79
CA PRO B 277 -26.10 22.18 -27.35
C PRO B 277 -26.04 23.59 -26.76
N ILE B 278 -26.72 23.77 -25.63
CA ILE B 278 -26.64 24.94 -24.79
C ILE B 278 -25.80 24.68 -23.54
N PHE B 279 -24.60 25.23 -23.50
CA PHE B 279 -23.70 24.93 -22.40
C PHE B 279 -24.15 25.51 -21.06
N THR B 280 -23.91 24.75 -19.99
CA THR B 280 -24.30 25.14 -18.64
C THR B 280 -23.12 24.93 -17.70
N ASP B 281 -23.16 25.58 -16.54
CA ASP B 281 -22.03 25.49 -15.63
C ASP B 281 -22.07 24.20 -14.84
N ASN B 282 -23.24 23.56 -14.81
CA ASN B 282 -23.33 22.20 -14.27
C ASN B 282 -23.05 21.21 -15.41
N ARG B 283 -21.94 20.49 -15.27
CA ARG B 283 -21.47 19.61 -16.33
C ARG B 283 -22.06 18.24 -16.21
N ASN B 284 -22.84 18.00 -15.16
CA ASN B 284 -23.64 16.79 -15.08
C ASN B 284 -24.98 16.95 -15.83
N ILE B 285 -25.19 18.15 -16.35
CA ILE B 285 -26.38 18.53 -17.06
C ILE B 285 -26.04 18.78 -18.52
N HIS B 286 -26.63 18.02 -19.41
CA HIS B 286 -26.54 18.32 -20.82
C HIS B 286 -27.90 18.70 -21.34
N VAL B 287 -27.97 19.95 -21.75
CA VAL B 287 -29.16 20.57 -22.28
C VAL B 287 -29.04 20.66 -23.79
N TYR B 288 -30.14 20.46 -24.49
CA TYR B 288 -30.10 20.52 -25.94
C TYR B 288 -31.26 21.31 -26.45
N GLU B 289 -31.00 22.22 -27.36
CA GLU B 289 -32.07 22.94 -28.02
C GLU B 289 -32.47 22.02 -29.14
N ALA B 290 -33.75 21.77 -29.28
CA ALA B 290 -34.20 20.76 -30.22
C ALA B 290 -35.26 21.33 -31.15
N VAL B 291 -34.87 21.48 -32.41
CA VAL B 291 -35.80 21.92 -33.43
C VAL B 291 -36.02 20.71 -34.32
N SER B 292 -37.21 20.56 -34.86
CA SER B 292 -37.52 19.34 -35.58
C SER B 292 -37.15 19.51 -37.04
N LYS B 293 -36.76 18.41 -37.64
CA LYS B 293 -36.37 18.49 -39.02
C LYS B 293 -37.52 18.91 -39.90
N THR B 294 -38.67 18.32 -39.68
CA THR B 294 -39.87 18.65 -40.44
C THR B 294 -40.49 20.02 -40.18
N SER B 295 -40.52 20.44 -38.93
CA SER B 295 -41.13 21.70 -38.60
C SER B 295 -40.30 22.63 -37.74
N PRO B 296 -39.95 23.82 -38.32
CA PRO B 296 -39.15 24.71 -37.46
C PRO B 296 -39.95 25.15 -36.26
N LEU B 297 -41.26 25.11 -36.37
CA LEU B 297 -42.13 25.54 -35.30
C LEU B 297 -42.06 24.76 -34.00
N ASP B 298 -41.87 23.47 -34.12
CA ASP B 298 -41.76 22.57 -32.97
C ASP B 298 -40.37 22.68 -32.37
N LYS B 299 -40.17 23.70 -31.53
CA LYS B 299 -38.94 23.86 -30.75
C LYS B 299 -39.13 23.34 -29.30
N ARG B 300 -38.21 22.49 -28.85
CA ARG B 300 -38.23 22.01 -27.48
C ARG B 300 -36.84 22.13 -26.80
N PHE B 301 -36.79 21.98 -25.48
CA PHE B 301 -35.52 21.87 -24.79
C PHE B 301 -35.46 20.55 -24.03
N PHE B 302 -34.61 19.66 -24.52
CA PHE B 302 -34.35 18.39 -23.86
C PHE B 302 -33.21 18.53 -22.86
N THR B 303 -33.40 18.09 -21.63
CA THR B 303 -32.27 18.09 -20.70
C THR B 303 -31.97 16.69 -20.26
N ARG B 304 -30.72 16.34 -20.45
CA ARG B 304 -30.26 15.00 -20.15
C ARG B 304 -29.16 15.18 -19.13
N GLY B 305 -29.55 15.01 -17.87
CA GLY B 305 -28.65 15.08 -16.75
C GLY B 305 -28.33 13.69 -16.22
N ILE B 306 -27.17 13.59 -15.59
CA ILE B 306 -26.66 12.30 -15.12
C ILE B 306 -26.38 12.37 -13.63
N ILE B 307 -26.73 11.31 -12.91
CA ILE B 307 -26.33 11.24 -11.53
C ILE B 307 -25.34 10.09 -11.33
N ARG B 308 -24.16 10.45 -10.82
CA ARG B 308 -23.14 9.47 -10.46
C ARG B 308 -22.99 9.56 -8.96
N THR B 309 -22.85 8.43 -8.27
CA THR B 309 -22.82 8.49 -6.81
C THR B 309 -21.45 8.17 -6.23
N GLY B 310 -20.93 9.10 -5.44
CA GLY B 310 -19.67 8.94 -4.76
C GLY B 310 -19.88 8.40 -3.36
N HIS B 311 -20.88 8.91 -2.67
CA HIS B 311 -21.15 8.49 -1.29
C HIS B 311 -22.65 8.48 -0.91
N ILE B 312 -23.07 7.37 -0.32
CA ILE B 312 -24.39 7.27 0.32
C ILE B 312 -24.22 7.35 1.85
N ARG B 313 -25.11 8.07 2.52
CA ARG B 313 -25.11 8.09 3.98
C ARG B 313 -25.42 6.72 4.54
N ASP B 314 -24.81 6.42 5.67
CA ASP B 314 -25.13 5.22 6.43
C ASP B 314 -26.54 5.32 7.00
N ASP B 315 -26.90 6.52 7.44
CA ASP B 315 -28.08 6.72 8.26
C ASP B 315 -29.35 6.75 7.43
N ILE B 316 -29.37 7.56 6.37
CA ILE B 316 -30.56 7.74 5.53
C ILE B 316 -30.84 6.50 4.67
N SER B 317 -32.08 6.36 4.22
CA SER B 317 -32.52 5.22 3.44
C SER B 317 -32.06 5.29 1.98
N ILE B 318 -32.16 4.16 1.28
CA ILE B 318 -31.71 4.13 -0.09
C ILE B 318 -32.71 4.86 -0.97
N GLN B 319 -34.00 4.74 -0.66
CA GLN B 319 -35.00 5.48 -1.39
C GLN B 319 -34.88 6.99 -1.18
N GLU B 320 -34.47 7.41 0.01
CA GLU B 320 -34.49 8.83 0.30
C GLU B 320 -33.30 9.59 -0.32
N TYR B 321 -32.26 8.84 -0.69
CA TYR B 321 -31.18 9.39 -1.49
C TYR B 321 -31.69 9.72 -2.88
N LEU B 322 -32.26 8.71 -3.54
CA LEU B 322 -32.90 8.88 -4.85
C LEU B 322 -33.75 10.14 -4.97
N THR B 323 -34.50 10.46 -3.92
CA THR B 323 -35.43 11.58 -3.96
C THR B 323 -34.78 12.93 -3.86
N SER B 324 -33.66 12.99 -3.14
CA SER B 324 -32.97 14.26 -2.91
C SER B 324 -31.92 14.50 -3.98
N GLU B 325 -31.36 13.42 -4.54
CA GLU B 325 -30.46 13.60 -5.66
C GLU B 325 -31.28 14.12 -6.84
N ALA B 326 -32.36 13.41 -7.13
CA ALA B 326 -33.26 13.78 -8.20
C ALA B 326 -33.75 15.20 -8.04
N ASN B 327 -34.16 15.54 -6.83
CA ASN B 327 -34.70 16.88 -6.53
C ASN B 327 -33.69 17.99 -6.75
N ARG B 328 -32.45 17.74 -6.36
CA ARG B 328 -31.42 18.76 -6.44
C ARG B 328 -31.08 18.99 -7.89
N LEU B 329 -30.77 17.89 -8.57
CA LEU B 329 -30.56 17.97 -10.01
C LEU B 329 -31.80 18.59 -10.65
N MET B 330 -32.98 18.10 -10.30
CA MET B 330 -34.21 18.69 -10.82
C MET B 330 -34.24 20.17 -10.63
N SER B 331 -33.94 20.59 -9.39
CA SER B 331 -33.84 22.02 -9.10
C SER B 331 -32.80 22.66 -9.97
N ASP B 332 -31.63 22.03 -10.05
CA ASP B 332 -30.51 22.59 -10.77
C ASP B 332 -30.79 22.66 -12.27
N ILE B 333 -31.29 21.57 -12.83
CA ILE B 333 -31.82 21.61 -14.19
C ILE B 333 -32.79 22.78 -14.34
N LEU B 334 -33.79 22.86 -13.46
CA LEU B 334 -34.81 23.90 -13.59
C LEU B 334 -34.20 25.31 -13.60
N ASP B 335 -33.18 25.51 -12.79
CA ASP B 335 -32.57 26.83 -12.64
C ASP B 335 -31.76 27.28 -13.86
N ASN B 336 -31.22 26.32 -14.62
CA ASN B 336 -30.56 26.62 -15.88
C ASN B 336 -31.54 27.02 -16.98
N LEU B 337 -32.63 26.27 -17.12
CA LEU B 337 -33.61 26.63 -18.13
C LEU B 337 -34.16 28.03 -17.95
N GLU B 338 -34.39 28.42 -16.71
CA GLU B 338 -34.99 29.71 -16.44
C GLU B 338 -34.07 30.82 -16.96
N VAL B 339 -32.76 30.59 -16.84
CA VAL B 339 -31.77 31.61 -17.21
C VAL B 339 -31.50 31.61 -18.71
N THR B 340 -31.83 30.52 -19.39
CA THR B 340 -31.66 30.50 -20.85
C THR B 340 -32.95 31.00 -21.52
N ASP B 341 -32.85 31.38 -22.77
CA ASP B 341 -34.02 31.86 -23.46
C ASP B 341 -34.78 30.73 -24.10
N THR B 342 -35.62 30.06 -23.33
CA THR B 342 -36.43 28.98 -23.84
C THR B 342 -37.60 29.72 -24.44
N SER B 343 -37.33 30.46 -25.49
CA SER B 343 -38.33 31.32 -26.06
C SER B 343 -39.65 30.83 -26.62
N ASN B 344 -39.64 29.86 -27.50
CA ASN B 344 -40.89 29.41 -28.07
C ASN B 344 -40.88 27.93 -28.12
N SER B 345 -40.80 27.36 -26.94
CA SER B 345 -40.71 25.95 -26.77
C SER B 345 -41.98 25.42 -26.24
N ASP B 346 -42.28 24.18 -26.54
CA ASP B 346 -43.49 23.58 -26.03
C ASP B 346 -43.18 22.36 -25.18
N LEU B 347 -43.00 21.18 -25.75
CA LEU B 347 -42.99 19.99 -24.92
C LEU B 347 -41.63 19.65 -24.33
N ASN B 348 -41.10 20.59 -23.57
CA ASN B 348 -39.78 20.48 -22.97
C ASN B 348 -39.66 19.28 -22.04
N HIS B 349 -38.46 18.75 -21.91
CA HIS B 349 -38.31 17.41 -21.40
C HIS B 349 -37.05 17.28 -20.55
N ILE B 350 -37.19 16.56 -19.44
CA ILE B 350 -36.10 16.36 -18.52
C ILE B 350 -35.81 14.88 -18.32
N PHE B 351 -34.61 14.44 -18.66
CA PHE B 351 -34.22 13.07 -18.48
C PHE B 351 -33.16 13.00 -17.40
N ILE B 352 -33.36 12.10 -16.44
CA ILE B 352 -32.41 11.95 -15.34
C ILE B 352 -31.88 10.51 -15.31
N ASN B 353 -30.55 10.39 -15.41
CA ASN B 353 -29.93 9.10 -15.51
C ASN B 353 -29.07 8.76 -14.29
N PHE B 354 -29.62 7.94 -13.40
CA PHE B 354 -28.87 7.38 -12.28
C PHE B 354 -28.04 6.24 -12.79
N ILE B 355 -26.73 6.27 -12.54
CA ILE B 355 -25.90 5.26 -13.17
C ILE B 355 -25.52 4.14 -12.22
N ALA B 356 -25.59 4.43 -10.92
CA ALA B 356 -25.29 3.43 -9.89
C ALA B 356 -26.24 2.25 -9.94
N VAL B 357 -25.89 1.18 -9.25
CA VAL B 357 -26.80 0.05 -9.10
C VAL B 357 -27.28 -0.05 -7.66
N PHE B 358 -28.59 -0.25 -7.48
CA PHE B 358 -29.18 -0.11 -6.15
C PHE B 358 -29.92 -1.35 -5.65
N ASP B 359 -29.99 -1.45 -4.33
CA ASP B 359 -30.68 -2.53 -3.61
C ASP B 359 -32.20 -2.52 -3.82
N ILE B 360 -32.76 -1.32 -3.85
CA ILE B 360 -34.21 -1.07 -3.75
C ILE B 360 -35.06 -1.93 -4.65
N SER B 361 -36.30 -2.13 -4.22
CA SER B 361 -37.30 -2.76 -5.04
C SER B 361 -38.16 -1.74 -5.76
N PRO B 362 -38.46 -2.03 -7.03
CA PRO B 362 -39.33 -1.29 -7.95
C PRO B 362 -40.49 -0.65 -7.24
N GLU B 363 -41.13 -1.43 -6.37
CA GLU B 363 -42.24 -0.95 -5.56
C GLU B 363 -41.85 0.35 -4.87
N ASP B 364 -40.67 0.36 -4.26
CA ASP B 364 -40.22 1.53 -3.52
C ASP B 364 -39.55 2.58 -4.40
N VAL B 365 -38.92 2.14 -5.48
CA VAL B 365 -38.39 3.07 -6.46
C VAL B 365 -39.53 3.93 -6.98
N GLU B 366 -40.64 3.27 -7.30
CA GLU B 366 -41.83 4.00 -7.75
C GLU B 366 -42.31 4.96 -6.69
N ALA B 367 -42.34 4.48 -5.45
CA ALA B 367 -42.66 5.33 -4.31
C ALA B 367 -41.72 6.54 -4.25
N ALA B 368 -40.43 6.31 -4.48
CA ALA B 368 -39.40 7.35 -4.35
C ALA B 368 -39.68 8.57 -5.22
N PHE B 369 -40.43 8.39 -6.30
CA PHE B 369 -40.68 9.48 -7.24
C PHE B 369 -42.10 9.99 -7.29
N GLY B 370 -42.98 9.41 -6.47
CA GLY B 370 -44.32 9.96 -6.31
C GLY B 370 -44.27 11.42 -5.89
N GLY B 371 -45.11 12.24 -6.50
CA GLY B 371 -45.16 13.64 -6.13
C GLY B 371 -43.91 14.42 -6.49
N PHE B 372 -43.02 13.76 -7.24
CA PHE B 372 -41.73 14.32 -7.65
C PHE B 372 -41.82 15.69 -8.29
N LEU B 373 -42.46 15.74 -9.46
CA LEU B 373 -42.57 16.97 -10.23
C LEU B 373 -43.44 17.99 -9.54
N GLU B 374 -44.44 17.51 -8.84
CA GLU B 374 -45.45 18.36 -8.24
C GLU B 374 -44.87 19.42 -7.34
N ARG B 375 -43.77 19.11 -6.69
CA ARG B 375 -43.15 20.07 -5.81
C ARG B 375 -42.77 21.31 -6.61
N PHE B 376 -42.31 21.11 -7.83
CA PHE B 376 -41.87 22.19 -8.69
C PHE B 376 -42.92 22.62 -9.68
N GLY B 377 -44.16 22.29 -9.40
CA GLY B 377 -45.19 22.52 -10.37
C GLY B 377 -45.24 23.89 -10.96
N LYS B 378 -45.09 24.94 -10.19
CA LYS B 378 -45.15 26.25 -10.79
C LYS B 378 -44.01 26.47 -11.77
N ARG B 379 -42.81 26.10 -11.40
CA ARG B 379 -41.69 26.31 -12.28
C ARG B 379 -41.85 25.49 -13.51
N LEU B 380 -42.24 24.25 -13.32
CA LEU B 380 -42.47 23.35 -14.43
C LEU B 380 -43.47 23.91 -15.41
N LEU B 381 -44.58 24.38 -14.88
CA LEU B 381 -45.65 24.86 -15.72
C LEU B 381 -45.19 26.14 -16.45
N ARG B 382 -44.46 27.00 -15.77
CA ARG B 382 -44.04 28.24 -16.44
C ARG B 382 -42.95 27.93 -17.46
N LEU B 383 -42.07 26.99 -17.14
CA LEU B 383 -40.96 26.67 -18.04
C LEU B 383 -41.44 25.85 -19.22
N ARG B 384 -42.73 25.50 -19.20
CA ARG B 384 -43.38 24.59 -20.16
C ARG B 384 -42.77 23.17 -20.23
N VAL B 385 -42.26 22.65 -19.12
CA VAL B 385 -41.88 21.24 -19.12
C VAL B 385 -43.08 20.37 -18.89
N SER B 386 -43.24 19.39 -19.77
CA SER B 386 -44.41 18.52 -19.84
C SER B 386 -44.12 17.03 -19.56
N SER B 387 -42.86 16.61 -19.69
CA SER B 387 -42.47 15.22 -19.51
C SER B 387 -41.16 15.08 -18.71
N ALA B 388 -40.98 13.95 -18.07
CA ALA B 388 -39.75 13.69 -17.36
C ALA B 388 -39.51 12.21 -17.30
N GLU B 389 -38.28 11.78 -17.49
CA GLU B 389 -37.99 10.37 -17.57
C GLU B 389 -36.76 10.08 -16.74
N ILE B 390 -36.71 8.88 -16.18
CA ILE B 390 -35.71 8.56 -15.17
C ILE B 390 -35.20 7.14 -15.27
N ARG B 391 -33.91 6.96 -15.48
CA ARG B 391 -33.37 5.61 -15.54
C ARG B 391 -32.81 5.22 -14.17
N ILE B 392 -33.12 4.02 -13.71
CA ILE B 392 -32.55 3.52 -12.47
C ILE B 392 -32.24 2.02 -12.51
N ILE B 393 -31.13 1.64 -11.89
CA ILE B 393 -30.72 0.26 -11.91
C ILE B 393 -30.87 -0.35 -10.52
N ILE B 394 -31.18 -1.64 -10.50
CA ILE B 394 -31.56 -2.33 -9.28
C ILE B 394 -30.86 -3.68 -9.13
N LYS B 395 -30.65 -4.09 -7.88
CA LYS B 395 -30.10 -5.41 -7.57
C LYS B 395 -31.25 -6.40 -7.34
N ASP B 396 -31.08 -7.65 -7.77
CA ASP B 396 -32.18 -8.62 -7.70
C ASP B 396 -31.97 -9.72 -6.67
N PRO B 397 -32.56 -9.55 -5.47
CA PRO B 397 -32.52 -10.54 -4.38
C PRO B 397 -32.96 -11.95 -4.81
N PRO B 402 -28.10 -6.82 -11.49
CA PRO B 402 -28.38 -5.62 -12.29
C PRO B 402 -29.71 -5.69 -13.06
N VAL B 403 -30.65 -4.81 -12.74
CA VAL B 403 -31.95 -4.78 -13.46
C VAL B 403 -32.51 -3.35 -13.55
N PRO B 404 -32.61 -2.83 -14.78
CA PRO B 404 -32.87 -1.42 -15.11
C PRO B 404 -34.34 -1.01 -15.07
N LEU B 405 -34.64 0.10 -14.40
CA LEU B 405 -36.00 0.61 -14.31
C LEU B 405 -36.15 1.92 -15.07
N ARG B 406 -37.38 2.19 -15.51
CA ARG B 406 -37.67 3.35 -16.33
C ARG B 406 -38.90 4.10 -15.82
N ALA B 407 -38.72 5.32 -15.33
CA ALA B 407 -39.84 6.13 -14.83
C ALA B 407 -40.28 7.23 -15.79
N LEU B 408 -41.55 7.19 -16.17
CA LEU B 408 -42.13 8.12 -17.12
C LEU B 408 -43.26 8.91 -16.50
N ILE B 409 -42.99 10.18 -16.25
CA ILE B 409 -43.94 11.06 -15.59
C ILE B 409 -44.48 12.04 -16.63
N ASN B 410 -45.79 12.04 -16.83
CA ASN B 410 -46.40 12.88 -17.88
C ASN B 410 -47.29 13.97 -17.32
N ASN B 411 -47.17 15.15 -17.91
CA ASN B 411 -47.83 16.34 -17.42
C ASN B 411 -49.11 16.58 -18.19
N VAL B 412 -49.27 15.80 -19.26
CA VAL B 412 -50.37 15.93 -20.20
C VAL B 412 -51.49 14.95 -19.88
N GLY B 414 -52.84 18.99 -18.97
CA GLY B 414 -53.05 17.69 -18.36
C GLY B 414 -53.72 17.80 -17.01
N TYR B 415 -54.56 16.82 -16.68
CA TYR B 415 -55.41 16.92 -15.48
C TYR B 415 -54.75 16.33 -14.24
N VAL B 416 -54.00 15.23 -14.43
CA VAL B 416 -53.22 14.64 -13.34
C VAL B 416 -51.91 14.03 -13.84
N ILE B 417 -50.91 14.00 -12.97
CA ILE B 417 -49.60 13.43 -13.27
C ILE B 417 -49.65 11.92 -13.38
N LYS B 418 -49.24 11.37 -14.51
CA LYS B 418 -49.27 9.93 -14.65
C LYS B 418 -47.86 9.38 -14.60
N THR B 419 -47.54 8.61 -13.58
CA THR B 419 -46.23 7.97 -13.53
C THR B 419 -46.36 6.48 -13.88
N GLU B 420 -45.86 6.14 -15.05
CA GLU B 420 -45.87 4.79 -15.54
C GLU B 420 -44.48 4.17 -15.39
N MET B 421 -44.41 3.06 -14.67
CA MET B 421 -43.13 2.40 -14.50
C MET B 421 -42.93 1.33 -15.57
N TYR B 422 -41.67 0.93 -15.73
CA TYR B 422 -41.24 -0.03 -16.75
C TYR B 422 -39.93 -0.68 -16.35
N THR B 423 -39.60 -1.78 -17.02
CA THR B 423 -38.27 -2.35 -16.93
C THR B 423 -37.73 -2.47 -18.35
N GLU B 424 -36.47 -2.87 -18.47
CA GLU B 424 -35.84 -3.02 -19.78
C GLU B 424 -35.56 -4.50 -20.14
N VAL B 425 -36.10 -4.95 -21.28
CA VAL B 425 -35.97 -6.35 -21.70
C VAL B 425 -35.70 -6.44 -23.21
N LYS B 426 -35.39 -7.65 -23.69
CA LYS B 426 -35.02 -7.84 -25.10
C LYS B 426 -36.17 -8.32 -26.00
N ASN B 427 -35.90 -8.28 -27.30
CA ASN B 427 -36.85 -8.72 -28.30
C ASN B 427 -36.23 -9.78 -29.21
N TRP B 432 -33.96 -4.30 -27.34
CA TRP B 432 -34.22 -3.94 -25.96
C TRP B 432 -35.56 -3.22 -25.92
N VAL B 433 -36.45 -3.65 -25.05
CA VAL B 433 -37.78 -3.05 -24.98
C VAL B 433 -38.33 -2.80 -23.59
N PHE B 434 -39.30 -1.89 -23.50
CA PHE B 434 -39.97 -1.58 -22.27
C PHE B 434 -40.92 -2.70 -21.90
N LYS B 435 -41.01 -3.09 -20.64
CA LYS B 435 -41.97 -4.09 -20.21
C LYS B 435 -42.63 -3.41 -19.06
N SER B 436 -43.92 -3.15 -19.11
CA SER B 436 -44.57 -2.43 -18.02
C SER B 436 -44.68 -3.22 -16.74
N LEU B 437 -44.65 -2.50 -15.63
CA LEU B 437 -44.74 -3.14 -14.33
C LEU B 437 -46.03 -3.86 -14.03
N GLY B 438 -47.15 -3.24 -14.32
CA GLY B 438 -48.44 -3.82 -14.07
C GLY B 438 -49.30 -3.83 -15.32
N LYS B 439 -50.35 -3.04 -15.27
CA LYS B 439 -51.25 -2.91 -16.38
C LYS B 439 -50.60 -1.91 -17.33
N PRO B 440 -50.23 -2.44 -18.46
CA PRO B 440 -49.44 -1.80 -19.54
C PRO B 440 -49.58 -0.29 -19.65
N GLY B 441 -48.47 0.37 -19.89
CA GLY B 441 -48.45 1.81 -19.98
C GLY B 441 -48.33 2.19 -21.43
N SER B 442 -48.28 3.50 -21.66
CA SER B 442 -48.30 4.10 -22.99
C SER B 442 -47.32 3.49 -23.99
N MET B 443 -46.24 2.93 -23.48
CA MET B 443 -45.21 2.39 -24.36
C MET B 443 -44.82 1.01 -23.91
N HIS B 444 -45.75 0.08 -24.03
CA HIS B 444 -45.58 -1.22 -23.42
C HIS B 444 -44.46 -2.05 -24.03
N LEU B 445 -44.61 -2.51 -25.27
CA LEU B 445 -43.54 -3.28 -25.91
C LEU B 445 -42.89 -2.46 -27.02
N ARG B 446 -42.51 -1.25 -26.65
CA ARG B 446 -41.95 -0.30 -27.60
C ARG B 446 -40.45 -0.23 -27.51
N PRO B 447 -39.78 -0.05 -28.66
CA PRO B 447 -38.32 0.00 -28.61
C PRO B 447 -37.86 1.08 -27.66
N ILE B 448 -37.01 0.76 -26.69
CA ILE B 448 -36.45 1.83 -25.85
C ILE B 448 -35.76 2.90 -26.70
N ALA B 449 -35.38 2.54 -27.93
CA ALA B 449 -34.71 3.44 -28.84
C ALA B 449 -35.66 4.45 -29.49
N THR B 450 -36.96 4.10 -29.53
CA THR B 450 -37.98 4.85 -30.29
C THR B 450 -37.90 6.37 -30.09
N PRO B 451 -37.50 7.09 -31.14
CA PRO B 451 -37.24 8.53 -31.08
C PRO B 451 -38.46 9.31 -30.68
N TYR B 452 -38.26 10.42 -29.98
CA TYR B 452 -39.36 11.27 -29.61
C TYR B 452 -40.04 11.78 -30.87
N PRO B 453 -41.35 11.52 -31.00
CA PRO B 453 -42.12 11.97 -32.15
C PRO B 453 -42.20 13.48 -32.28
N VAL B 454 -42.44 13.99 -33.48
CA VAL B 454 -42.53 15.44 -33.68
C VAL B 454 -43.99 15.87 -33.66
N LYS B 455 -44.24 17.17 -33.54
CA LYS B 455 -45.56 17.73 -33.78
C LYS B 455 -45.82 17.78 -35.29
N GLU B 456 -46.46 16.73 -35.80
CA GLU B 456 -46.61 16.50 -37.22
C GLU B 456 -47.56 17.50 -37.88
N TRP B 457 -48.58 17.90 -37.15
CA TRP B 457 -49.57 18.83 -37.67
C TRP B 457 -49.01 20.20 -38.05
N LEU B 458 -47.76 20.46 -37.68
CA LEU B 458 -47.12 21.73 -38.02
C LEU B 458 -46.31 21.66 -39.31
N GLN B 459 -46.22 20.47 -39.88
CA GLN B 459 -45.52 20.26 -41.15
C GLN B 459 -46.28 20.90 -42.31
N PRO B 460 -45.66 21.90 -42.96
CA PRO B 460 -46.16 22.57 -44.17
C PRO B 460 -46.37 21.64 -45.36
CL CL C . 14.93 -7.66 11.96
CL CL D . -17.11 7.12 -14.00
#